data_5IRG
#
_entry.id   5IRG
#
_cell.length_a   42.810
_cell.length_b   145.350
_cell.length_c   200.060
_cell.angle_alpha   90.00
_cell.angle_beta   90.00
_cell.angle_gamma   90.00
#
_symmetry.space_group_name_H-M   'P 21 21 21'
#
loop_
_entity.id
_entity.type
_entity.pdbx_description
1 polymer 'Retron-type reverse transcriptase'
2 non-polymer 'POTASSIUM ION'
3 water water
#
_entity_poly.entity_id   1
_entity_poly.type   'polypeptide(L)'
_entity_poly.pdbx_seq_one_letter_code
;(MSE)VKSSGTERKER(MSE)DTSSL(MSE)EQILSNDNLNRAYLQVVRNKGAEGVDG(MSE)KYTELKEYLAKNGEIIK
EQLRIRKYKPQPVRRVEIPKPDGGVRNLGVPTVTDRFIQQAIAQVLTPIYEEQFHDHSYGFRPNRCAQQAILTALD
(MSE)(MSE)NDGNDWIVDIDLEKFFDTVNHDKL(MSE)TIIGRTIKDGDVISIVRKYLVSGI(MSE)IDDEYEDSIVGT
PQGGNLSPLLANI(MSE)LNELDKE(MSE)EKRGLNFVRYADDCII(MSE)VGSE(MSE)SANRV(MSE)RNISRFIEEK
LGLKVN(MSE)TKSKVDRPRGIKYLGFGFYYDTSAQQFKAKPHAK
;
_entity_poly.pdbx_strand_id   A,B,C,D
#
loop_
_chem_comp.id
_chem_comp.type
_chem_comp.name
_chem_comp.formula
K non-polymer 'POTASSIUM ION' 'K 1'
#
# COMPACT_ATOMS: atom_id res chain seq x y z
N SER A 17 49.60 -3.65 27.29
CA SER A 17 48.89 -2.52 26.68
C SER A 17 47.41 -2.57 27.03
N LEU A 18 46.92 -3.77 27.37
CA LEU A 18 45.55 -3.88 27.83
C LEU A 18 45.36 -3.16 29.16
N MSE A 19 46.33 -3.29 30.06
CA MSE A 19 46.32 -2.58 31.33
C MSE A 19 46.39 -1.07 31.10
O MSE A 19 45.65 -0.30 31.73
CB MSE A 19 47.48 -3.03 32.21
CG MSE A 19 47.52 -2.39 33.59
SE MSE A 19 46.18 -3.09 34.82
CE MSE A 19 44.76 -1.78 34.52
N GLU A 20 47.27 -0.66 30.19
CA GLU A 20 47.39 0.76 29.87
C GLU A 20 46.15 1.30 29.18
N GLN A 21 45.40 0.43 28.50
CA GLN A 21 44.13 0.85 27.92
C GLN A 21 43.08 1.06 29.01
N ILE A 22 43.11 0.23 30.05
CA ILE A 22 42.21 0.42 31.18
C ILE A 22 42.55 1.69 31.94
N LEU A 23 43.84 2.02 32.05
CA LEU A 23 44.30 3.15 32.82
C LEU A 23 44.42 4.43 32.00
N SER A 24 43.95 4.44 30.75
CA SER A 24 43.99 5.65 29.96
C SER A 24 43.03 6.69 30.52
N ASN A 25 43.28 7.96 30.17
CA ASN A 25 42.45 9.04 30.68
C ASN A 25 41.00 8.91 30.23
N ASP A 26 40.79 8.52 28.96
CA ASP A 26 39.43 8.42 28.45
C ASP A 26 38.66 7.31 29.15
N ASN A 27 39.30 6.16 29.37
CA ASN A 27 38.61 5.04 29.98
C ASN A 27 38.26 5.33 31.44
N LEU A 28 39.21 5.88 32.20
CA LEU A 28 38.96 6.15 33.62
C LEU A 28 37.92 7.24 33.81
N ASN A 29 37.87 8.22 32.91
CA ASN A 29 36.86 9.27 33.03
C ASN A 29 35.46 8.73 32.73
N ARG A 30 35.35 7.84 31.74
CA ARG A 30 34.07 7.18 31.48
C ARG A 30 33.68 6.29 32.65
N ALA A 31 34.65 5.65 33.29
CA ALA A 31 34.35 4.79 34.43
C ALA A 31 33.85 5.60 35.62
N TYR A 32 34.48 6.75 35.88
CA TYR A 32 34.05 7.60 36.99
C TYR A 32 32.61 8.06 36.80
N LEU A 33 32.28 8.58 35.62
CA LEU A 33 30.94 9.10 35.38
C LEU A 33 29.89 8.00 35.50
N GLN A 34 30.19 6.81 35.00
CA GLN A 34 29.23 5.71 35.06
C GLN A 34 28.99 5.26 36.50
N VAL A 35 30.06 5.14 37.29
CA VAL A 35 29.93 4.69 38.68
C VAL A 35 29.16 5.72 39.49
N VAL A 36 29.43 7.01 39.27
CA VAL A 36 28.66 8.06 39.93
C VAL A 36 27.20 8.00 39.48
N ARG A 37 26.95 7.65 38.22
CA ARG A 37 25.59 7.55 37.73
C ARG A 37 24.86 6.35 38.33
N ASN A 38 25.58 5.27 38.63
CA ASN A 38 24.96 4.11 39.25
C ASN A 38 24.61 4.34 40.71
N LYS A 39 25.23 5.34 41.35
CA LYS A 39 25.02 5.66 42.77
C LYS A 39 25.36 4.41 43.58
N GLY A 40 24.49 3.92 44.44
CA GLY A 40 24.75 2.73 45.23
C GLY A 40 25.18 3.05 46.64
N ALA A 41 25.19 2.00 47.47
CA ALA A 41 25.57 2.13 48.86
C ALA A 41 27.08 2.22 49.02
N GLU A 42 27.52 2.52 50.24
CA GLU A 42 28.94 2.64 50.53
C GLU A 42 29.55 1.28 50.83
N GLY A 43 30.84 1.16 50.57
CA GLY A 43 31.59 -0.04 50.89
C GLY A 43 32.05 -0.05 52.34
N VAL A 44 33.10 -0.83 52.60
CA VAL A 44 33.61 -0.97 53.96
C VAL A 44 34.31 0.29 54.44
N ASP A 45 34.65 1.21 53.54
CA ASP A 45 35.32 2.45 53.91
C ASP A 45 34.35 3.59 54.15
N GLY A 46 33.05 3.35 54.01
CA GLY A 46 32.05 4.39 54.24
C GLY A 46 32.07 5.53 53.25
N MSE A 47 32.81 5.43 52.16
CA MSE A 47 32.87 6.51 51.19
C MSE A 47 31.66 6.50 50.26
O MSE A 47 31.37 5.48 49.62
CB MSE A 47 34.15 6.43 50.35
CG MSE A 47 34.33 7.61 49.40
SE MSE A 47 35.95 7.50 48.33
CE MSE A 47 37.26 7.33 49.77
N LYS A 48 30.97 7.62 50.21
CA LYS A 48 29.81 7.76 49.34
C LYS A 48 30.25 8.06 47.91
N TYR A 49 29.33 7.87 46.97
CA TYR A 49 29.64 8.08 45.56
C TYR A 49 29.93 9.54 45.24
N THR A 50 29.41 10.48 46.04
CA THR A 50 29.66 11.89 45.84
C THR A 50 31.05 12.33 46.31
N GLU A 51 31.82 11.41 46.91
CA GLU A 51 33.16 11.73 47.39
C GLU A 51 34.25 11.11 46.53
N LEU A 52 33.89 10.43 45.43
CA LEU A 52 34.89 9.76 44.61
C LEU A 52 35.74 10.74 43.82
N LYS A 53 35.17 11.87 43.40
CA LYS A 53 35.92 12.80 42.56
C LYS A 53 37.06 13.46 43.35
N GLU A 54 36.79 13.89 44.58
CA GLU A 54 37.85 14.48 45.39
C GLU A 54 38.92 13.45 45.73
N TYR A 55 38.51 12.20 45.98
CA TYR A 55 39.46 11.16 46.33
C TYR A 55 40.33 10.80 45.13
N LEU A 56 39.74 10.75 43.93
CA LEU A 56 40.53 10.45 42.74
C LEU A 56 41.43 11.61 42.35
N ALA A 57 40.99 12.85 42.59
CA ALA A 57 41.84 14.00 42.32
C ALA A 57 43.10 14.00 43.17
N LYS A 58 43.07 13.32 44.32
CA LYS A 58 44.21 13.23 45.22
C LYS A 58 45.04 11.96 44.99
N ASN A 59 44.39 10.80 45.00
CA ASN A 59 45.10 9.52 44.92
C ASN A 59 44.94 8.84 43.56
N GLY A 60 44.57 9.60 42.53
CA GLY A 60 44.36 8.99 41.22
C GLY A 60 45.61 8.36 40.66
N GLU A 61 46.70 9.14 40.59
CA GLU A 61 47.94 8.63 40.02
C GLU A 61 48.57 7.56 40.90
N ILE A 62 48.37 7.65 42.22
CA ILE A 62 48.90 6.63 43.12
C ILE A 62 48.23 5.29 42.87
N ILE A 63 46.91 5.29 42.67
CA ILE A 63 46.20 4.04 42.39
C ILE A 63 46.63 3.47 41.05
N LYS A 64 46.82 4.35 40.05
CA LYS A 64 47.30 3.88 38.75
C LYS A 64 48.65 3.20 38.86
N GLU A 65 49.58 3.81 39.63
CA GLU A 65 50.88 3.20 39.83
C GLU A 65 50.77 1.86 40.53
N GLN A 66 49.92 1.77 41.56
CA GLN A 66 49.76 0.51 42.28
C GLN A 66 49.16 -0.57 41.40
N LEU A 67 48.31 -0.18 40.44
CA LEU A 67 47.74 -1.17 39.53
C LEU A 67 48.77 -1.65 38.50
N ARG A 68 49.69 -0.76 38.09
CA ARG A 68 50.67 -1.15 37.09
C ARG A 68 51.67 -2.16 37.65
N ILE A 69 52.01 -2.04 38.93
CA ILE A 69 52.98 -2.94 39.56
C ILE A 69 52.30 -4.00 40.41
N ARG A 70 51.00 -4.22 40.22
CA ARG A 70 50.23 -5.23 40.94
C ARG A 70 50.28 -5.02 42.44
N LYS A 71 50.41 -3.76 42.88
CA LYS A 71 50.48 -3.44 44.29
C LYS A 71 49.14 -3.03 44.89
N TYR A 72 48.19 -2.59 44.07
CA TYR A 72 46.89 -2.19 44.60
C TYR A 72 46.18 -3.38 45.22
N LYS A 73 45.61 -3.16 46.40
CA LYS A 73 44.89 -4.20 47.14
C LYS A 73 43.45 -3.78 47.31
N PRO A 74 42.51 -4.41 46.61
CA PRO A 74 41.09 -4.06 46.77
C PRO A 74 40.59 -4.36 48.17
N GLN A 75 39.58 -3.63 48.57
CA GLN A 75 38.94 -3.86 49.86
C GLN A 75 37.86 -4.94 49.73
N PRO A 76 37.62 -5.70 50.79
CA PRO A 76 36.54 -6.69 50.74
C PRO A 76 35.19 -6.00 50.60
N VAL A 77 34.25 -6.72 49.98
CA VAL A 77 32.90 -6.18 49.81
C VAL A 77 32.22 -6.09 51.17
N ARG A 78 31.27 -5.16 51.28
CA ARG A 78 30.47 -5.01 52.48
C ARG A 78 29.14 -5.72 52.29
N ARG A 79 28.80 -6.61 53.21
CA ARG A 79 27.52 -7.30 53.18
C ARG A 79 26.43 -6.31 53.61
N VAL A 80 25.59 -5.90 52.67
CA VAL A 80 24.53 -4.93 52.91
C VAL A 80 23.19 -5.64 52.82
N GLU A 81 22.27 -5.27 53.71
CA GLU A 81 20.89 -5.74 53.64
C GLU A 81 20.09 -4.75 52.80
N ILE A 82 19.65 -5.20 51.63
CA ILE A 82 18.90 -4.37 50.69
C ILE A 82 17.41 -4.64 50.91
N PRO A 83 16.64 -3.67 51.39
CA PRO A 83 15.19 -3.90 51.59
C PRO A 83 14.49 -4.24 50.28
N LYS A 84 13.67 -5.28 50.32
CA LYS A 84 12.94 -5.64 49.13
C LYS A 84 11.64 -4.84 49.02
N PRO A 85 11.19 -4.55 47.80
CA PRO A 85 9.98 -3.72 47.65
C PRO A 85 8.72 -4.39 48.19
N ASP A 86 8.67 -5.71 48.23
CA ASP A 86 7.50 -6.43 48.74
C ASP A 86 7.73 -7.02 50.13
N GLY A 87 8.71 -6.51 50.86
CA GLY A 87 8.99 -7.00 52.18
C GLY A 87 10.20 -7.91 52.22
N GLY A 88 10.87 -7.93 53.38
CA GLY A 88 12.09 -8.68 53.52
C GLY A 88 13.30 -7.93 53.01
N VAL A 89 14.45 -8.60 53.03
CA VAL A 89 15.71 -8.01 52.59
C VAL A 89 16.52 -9.03 51.82
N ARG A 90 17.42 -8.52 51.00
CA ARG A 90 18.44 -9.32 50.33
CA ARG A 90 18.44 -9.31 50.32
C ARG A 90 19.82 -8.95 50.86
N ASN A 91 20.71 -9.93 50.87
CA ASN A 91 22.09 -9.71 51.29
C ASN A 91 22.96 -9.62 50.05
N LEU A 92 23.71 -8.52 49.94
CA LEU A 92 24.49 -8.23 48.74
C LEU A 92 25.84 -7.68 49.12
N GLY A 93 26.88 -8.10 48.41
CA GLY A 93 28.22 -7.61 48.63
C GLY A 93 28.51 -6.36 47.82
N VAL A 94 28.70 -5.24 48.50
CA VAL A 94 28.90 -3.94 47.85
C VAL A 94 30.37 -3.57 47.95
N PRO A 95 31.08 -3.42 46.83
CA PRO A 95 32.46 -2.94 46.89
C PRO A 95 32.48 -1.45 47.19
N THR A 96 33.65 -0.98 47.63
CA THR A 96 33.83 0.46 47.82
C THR A 96 33.65 1.18 46.50
N VAL A 97 33.27 2.46 46.58
CA VAL A 97 33.06 3.24 45.37
C VAL A 97 34.35 3.39 44.58
N THR A 98 35.50 3.25 45.25
CA THR A 98 36.77 3.20 44.52
C THR A 98 36.91 1.90 43.75
N ASP A 99 36.56 0.77 44.36
CA ASP A 99 36.67 -0.51 43.69
C ASP A 99 35.62 -0.66 42.58
N ARG A 100 34.42 -0.12 42.80
CA ARG A 100 33.44 -0.09 41.73
C ARG A 100 33.93 0.76 40.57
N PHE A 101 34.66 1.84 40.87
CA PHE A 101 35.26 2.67 39.83
C PHE A 101 36.29 1.87 39.04
N ILE A 102 37.14 1.11 39.72
CA ILE A 102 38.16 0.35 39.03
C ILE A 102 37.54 -0.84 38.29
N GLN A 103 36.55 -1.49 38.90
CA GLN A 103 35.87 -2.62 38.24
C GLN A 103 35.17 -2.15 36.97
N GLN A 104 34.56 -0.97 36.99
CA GLN A 104 33.94 -0.43 35.78
C GLN A 104 35.00 -0.14 34.73
N ALA A 105 36.14 0.42 35.13
CA ALA A 105 37.20 0.72 34.18
C ALA A 105 37.71 -0.55 33.51
N ILE A 106 37.84 -1.64 34.27
CA ILE A 106 38.24 -2.92 33.69
C ILE A 106 37.15 -3.44 32.76
N ALA A 107 35.90 -3.38 33.20
CA ALA A 107 34.81 -3.94 32.41
C ALA A 107 34.61 -3.18 31.09
N GLN A 108 34.92 -1.88 31.07
CA GLN A 108 34.70 -1.10 29.86
C GLN A 108 35.63 -1.53 28.73
N VAL A 109 36.79 -2.08 29.06
CA VAL A 109 37.71 -2.58 28.04
C VAL A 109 37.46 -4.04 27.72
N LEU A 110 37.09 -4.83 28.73
CA LEU A 110 36.87 -6.26 28.50
C LEU A 110 35.55 -6.54 27.80
N THR A 111 34.56 -5.66 27.97
CA THR A 111 33.25 -5.91 27.35
C THR A 111 33.31 -5.99 25.84
N PRO A 112 33.93 -5.06 25.10
CA PRO A 112 33.99 -5.22 23.64
C PRO A 112 34.73 -6.47 23.21
N ILE A 113 35.70 -6.94 24.00
CA ILE A 113 36.44 -8.14 23.63
C ILE A 113 35.55 -9.37 23.68
N TYR A 114 34.77 -9.51 24.76
CA TYR A 114 33.93 -10.69 24.94
C TYR A 114 32.57 -10.57 24.25
N GLU A 115 32.12 -9.36 23.93
CA GLU A 115 30.91 -9.23 23.15
C GLU A 115 31.04 -9.89 21.79
N GLU A 116 32.26 -9.98 21.27
CA GLU A 116 32.51 -10.67 20.01
C GLU A 116 32.36 -12.19 20.15
N GLN A 117 32.55 -12.73 21.36
CA GLN A 117 32.47 -14.17 21.57
C GLN A 117 31.09 -14.64 22.03
N PHE A 118 30.31 -13.77 22.66
CA PHE A 118 29.14 -14.22 23.40
C PHE A 118 28.01 -14.68 22.47
N HIS A 119 27.30 -15.71 22.91
CA HIS A 119 26.18 -16.26 22.17
C HIS A 119 25.02 -15.27 22.13
N ASP A 120 24.27 -15.30 21.03
CA ASP A 120 23.15 -14.36 20.86
C ASP A 120 22.00 -14.65 21.82
N HIS A 121 21.95 -15.85 22.39
CA HIS A 121 20.88 -16.22 23.32
C HIS A 121 21.31 -16.07 24.78
N SER A 122 22.38 -15.32 25.04
CA SER A 122 22.75 -14.90 26.38
C SER A 122 22.35 -13.45 26.55
N TYR A 123 21.60 -13.16 27.61
CA TYR A 123 21.01 -11.83 27.78
C TYR A 123 21.31 -11.18 29.12
N GLY A 124 21.99 -11.87 30.03
CA GLY A 124 22.23 -11.32 31.35
C GLY A 124 23.34 -10.29 31.45
N PHE A 125 22.99 -9.07 31.86
CA PHE A 125 23.95 -8.02 32.18
C PHE A 125 24.85 -7.71 30.98
N ARG A 126 24.24 -7.57 29.81
CA ARG A 126 24.94 -7.27 28.59
C ARG A 126 24.40 -5.97 27.97
N PRO A 127 25.20 -5.28 27.17
CA PRO A 127 24.72 -4.03 26.55
C PRO A 127 23.51 -4.29 25.67
N ASN A 128 22.49 -3.44 25.85
CA ASN A 128 21.28 -3.43 25.02
C ASN A 128 20.48 -4.72 25.13
N ARG A 129 20.68 -5.50 26.19
CA ARG A 129 19.97 -6.74 26.39
C ARG A 129 19.25 -6.72 27.74
N CYS A 130 18.16 -7.47 27.83
CA CYS A 130 17.34 -7.49 29.04
C CYS A 130 16.59 -8.81 29.11
N ALA A 131 15.88 -8.99 30.23
CA ALA A 131 15.23 -10.26 30.52
C ALA A 131 14.09 -10.55 29.54
N GLN A 132 13.36 -9.51 29.13
CA GLN A 132 12.23 -9.72 28.23
C GLN A 132 12.66 -10.30 26.90
N GLN A 133 13.88 -10.00 26.46
CA GLN A 133 14.37 -10.57 25.22
C GLN A 133 14.61 -12.07 25.36
N ALA A 134 15.11 -12.50 26.53
CA ALA A 134 15.25 -13.92 26.79
C ALA A 134 13.90 -14.61 26.82
N ILE A 135 12.89 -13.95 27.38
CA ILE A 135 11.54 -14.52 27.43
C ILE A 135 10.96 -14.65 26.03
N LEU A 136 11.11 -13.60 25.21
CA LEU A 136 10.59 -13.63 23.85
C LEU A 136 11.24 -14.74 23.03
N THR A 137 12.55 -14.90 23.16
CA THR A 137 13.25 -15.96 22.42
C THR A 137 12.77 -17.34 22.88
N ALA A 138 12.57 -17.50 24.19
CA ALA A 138 12.07 -18.78 24.69
C ALA A 138 10.65 -19.05 24.23
N LEU A 139 9.82 -18.00 24.15
CA LEU A 139 8.45 -18.18 23.67
C LEU A 139 8.42 -18.65 22.22
N ASP A 140 9.29 -18.07 21.38
CA ASP A 140 9.33 -18.49 19.98
C ASP A 140 9.74 -19.95 19.84
N MSE A 141 10.61 -20.43 20.73
CA MSE A 141 11.05 -21.82 20.68
C MSE A 141 9.95 -22.78 21.15
O MSE A 141 9.74 -23.83 20.53
CB MSE A 141 12.31 -22.00 21.55
CG MSE A 141 13.54 -21.33 20.97
SE MSE A 141 14.94 -21.07 22.30
CE MSE A 141 16.35 -20.45 21.11
N MSE A 142 9.27 -22.42 22.24
CA MSE A 142 8.17 -23.23 22.76
C MSE A 142 7.06 -23.39 21.73
O MSE A 142 6.53 -24.47 21.52
CB MSE A 142 7.60 -22.60 24.03
CG MSE A 142 8.57 -22.53 25.18
SE MSE A 142 7.87 -21.40 26.62
CE MSE A 142 9.36 -21.56 27.87
N ASN A 143 6.69 -22.27 21.08
CA ASN A 143 5.61 -22.27 20.11
C ASN A 143 5.99 -22.95 18.80
N ASP A 144 7.28 -23.22 18.57
CA ASP A 144 7.72 -24.02 17.44
C ASP A 144 7.67 -25.52 17.72
N GLY A 145 7.09 -25.92 18.85
CA GLY A 145 6.97 -27.32 19.21
C GLY A 145 7.98 -27.82 20.22
N ASN A 146 8.84 -26.95 20.73
CA ASN A 146 9.80 -27.34 21.77
C ASN A 146 9.29 -26.93 23.15
N ASP A 147 8.17 -27.55 23.54
CA ASP A 147 7.48 -27.20 24.78
C ASP A 147 7.85 -28.10 25.94
N TRP A 148 8.99 -28.79 25.86
CA TRP A 148 9.54 -29.53 27.00
C TRP A 148 10.79 -28.80 27.46
N ILE A 149 10.74 -28.28 28.69
CA ILE A 149 11.73 -27.33 29.18
C ILE A 149 12.63 -28.03 30.18
N VAL A 150 13.94 -27.97 29.93
CA VAL A 150 14.94 -28.39 30.91
C VAL A 150 15.25 -27.17 31.77
N ASP A 151 14.86 -27.23 33.04
CA ASP A 151 15.02 -26.11 33.98
C ASP A 151 16.10 -26.51 34.98
N ILE A 152 17.34 -26.16 34.65
CA ILE A 152 18.49 -26.49 35.49
C ILE A 152 18.75 -25.33 36.45
N ASP A 153 18.76 -25.62 37.75
CA ASP A 153 19.03 -24.63 38.77
C ASP A 153 20.45 -24.80 39.29
N LEU A 154 21.21 -23.71 39.30
CA LEU A 154 22.60 -23.72 39.72
C LEU A 154 22.73 -23.06 41.09
N GLU A 155 23.61 -23.62 41.92
CA GLU A 155 24.00 -22.91 43.14
C GLU A 155 24.65 -21.58 42.75
N LYS A 156 24.55 -20.60 43.66
CA LYS A 156 25.04 -19.26 43.38
C LYS A 156 26.47 -19.31 42.84
N PHE A 157 26.73 -18.49 41.82
CA PHE A 157 27.94 -18.65 41.03
C PHE A 157 29.20 -18.36 41.85
N PHE A 158 29.19 -17.27 42.60
CA PHE A 158 30.43 -16.76 43.19
C PHE A 158 30.76 -17.33 44.57
N ASP A 159 29.95 -18.27 45.07
CA ASP A 159 30.34 -19.05 46.24
C ASP A 159 30.50 -20.53 45.91
N THR A 160 30.53 -20.87 44.63
CA THR A 160 30.79 -22.25 44.19
C THR A 160 31.82 -22.34 43.08
N VAL A 161 32.13 -21.26 42.37
CA VAL A 161 33.05 -21.33 41.25
C VAL A 161 34.48 -21.46 41.76
N ASN A 162 35.30 -22.21 41.03
CA ASN A 162 36.72 -22.37 41.34
C ASN A 162 37.48 -21.22 40.71
N HIS A 163 38.18 -20.44 41.54
CA HIS A 163 38.85 -19.23 41.05
C HIS A 163 39.91 -19.57 40.01
N ASP A 164 40.68 -20.63 40.24
CA ASP A 164 41.73 -21.00 39.29
C ASP A 164 41.14 -21.43 37.95
N LYS A 165 40.07 -22.22 37.99
CA LYS A 165 39.44 -22.64 36.74
C LYS A 165 38.87 -21.44 35.99
N LEU A 166 38.33 -20.47 36.73
CA LEU A 166 37.77 -19.28 36.08
C LEU A 166 38.87 -18.41 35.47
N MSE A 167 39.97 -18.22 36.20
CA MSE A 167 41.07 -17.39 35.70
C MSE A 167 41.76 -18.03 34.51
O MSE A 167 42.24 -17.33 33.62
CB MSE A 167 42.08 -17.13 36.82
CG MSE A 167 41.54 -16.31 37.98
SE MSE A 167 40.56 -14.71 37.43
CE MSE A 167 41.95 -13.85 36.36
N THR A 168 41.81 -19.36 34.49
CA THR A 168 42.40 -20.06 33.35
C THR A 168 41.58 -19.81 32.09
N ILE A 169 40.25 -19.94 32.19
CA ILE A 169 39.40 -19.71 31.02
C ILE A 169 39.47 -18.25 30.59
N ILE A 170 39.55 -17.33 31.55
CA ILE A 170 39.78 -15.93 31.22
C ILE A 170 41.15 -15.76 30.57
N GLY A 171 42.15 -16.48 31.06
CA GLY A 171 43.50 -16.32 30.55
C GLY A 171 43.66 -16.75 29.10
N ARG A 172 42.81 -17.67 28.64
CA ARG A 172 42.90 -18.12 27.25
C ARG A 172 42.54 -17.02 26.26
N THR A 173 41.94 -15.92 26.72
CA THR A 173 41.69 -14.73 25.91
C THR A 173 42.53 -13.55 26.35
N ILE A 174 42.57 -13.27 27.65
CA ILE A 174 43.33 -12.15 28.18
C ILE A 174 44.72 -12.63 28.55
N LYS A 175 45.74 -12.04 27.92
CA LYS A 175 47.12 -12.42 28.17
C LYS A 175 47.88 -11.42 29.04
N ASP A 176 47.30 -10.25 29.32
CA ASP A 176 47.95 -9.27 30.16
C ASP A 176 48.03 -9.78 31.60
N GLY A 177 49.26 -9.99 32.09
CA GLY A 177 49.43 -10.50 33.44
C GLY A 177 49.00 -9.51 34.50
N ASP A 178 49.05 -8.21 34.19
CA ASP A 178 48.60 -7.21 35.15
C ASP A 178 47.08 -7.14 35.24
N VAL A 179 46.38 -7.49 34.15
CA VAL A 179 44.93 -7.54 34.19
C VAL A 179 44.43 -8.81 34.84
N ILE A 180 45.12 -9.94 34.59
CA ILE A 180 44.77 -11.20 35.24
C ILE A 180 44.92 -11.08 36.75
N SER A 181 45.94 -10.34 37.20
CA SER A 181 46.18 -10.21 38.63
C SER A 181 45.06 -9.45 39.32
N ILE A 182 44.72 -8.26 38.82
CA ILE A 182 43.72 -7.44 39.50
C ILE A 182 42.34 -8.07 39.41
N VAL A 183 42.06 -8.81 38.33
CA VAL A 183 40.77 -9.49 38.22
C VAL A 183 40.66 -10.59 39.27
N ARG A 184 41.72 -11.38 39.43
CA ARG A 184 41.71 -12.43 40.45
C ARG A 184 41.56 -11.84 41.85
N LYS A 185 42.21 -10.70 42.11
CA LYS A 185 42.08 -10.06 43.41
C LYS A 185 40.65 -9.61 43.67
N TYR A 186 39.92 -9.20 42.64
CA TYR A 186 38.53 -8.80 42.82
C TYR A 186 37.63 -10.00 43.09
N LEU A 187 37.96 -11.17 42.52
CA LEU A 187 37.27 -12.40 42.91
C LEU A 187 37.44 -12.66 44.40
N VAL A 188 38.66 -12.50 44.91
CA VAL A 188 38.92 -12.75 46.32
C VAL A 188 38.21 -11.71 47.20
N SER A 189 38.00 -10.51 46.67
CA SER A 189 37.32 -9.47 47.44
C SER A 189 35.85 -9.79 47.68
N GLY A 190 35.29 -10.76 46.99
CA GLY A 190 33.93 -11.19 47.21
C GLY A 190 32.87 -10.57 46.33
N ILE A 191 33.23 -10.11 45.12
CA ILE A 191 32.23 -9.56 44.23
C ILE A 191 31.22 -10.65 43.86
N MSE A 192 29.98 -10.23 43.62
CA MSE A 192 28.92 -11.17 43.30
CA MSE A 192 28.90 -11.16 43.33
C MSE A 192 27.84 -10.52 42.44
O MSE A 192 27.95 -9.36 42.05
CB MSE A 192 28.30 -11.74 44.58
CB MSE A 192 28.27 -11.66 44.64
CG MSE A 192 27.90 -10.69 45.60
CG MSE A 192 28.06 -10.57 45.68
SE MSE A 192 27.21 -11.47 47.23
SE MSE A 192 26.51 -9.45 45.34
CE MSE A 192 25.63 -12.35 46.50
CE MSE A 192 25.11 -10.67 45.94
N ILE A 193 26.79 -11.29 42.14
CA ILE A 193 25.73 -10.88 41.23
C ILE A 193 24.52 -10.41 42.03
N ASP A 194 24.00 -9.24 41.66
CA ASP A 194 22.71 -8.76 42.17
C ASP A 194 21.60 -9.52 41.46
N ASP A 195 20.93 -10.41 42.18
CA ASP A 195 19.95 -11.31 41.58
C ASP A 195 18.52 -10.80 41.71
N GLU A 196 18.33 -9.49 41.87
CA GLU A 196 16.97 -8.95 42.02
C GLU A 196 16.14 -9.12 40.75
N TYR A 197 16.77 -9.44 39.61
CA TYR A 197 16.00 -9.73 38.41
C TYR A 197 15.09 -10.93 38.58
N GLU A 198 15.35 -11.80 39.57
CA GLU A 198 14.50 -12.95 39.82
C GLU A 198 13.11 -12.55 40.29
N ASP A 199 12.94 -11.32 40.80
CA ASP A 199 11.64 -10.78 41.17
C ASP A 199 11.12 -9.77 40.15
N SER A 200 11.56 -9.90 38.89
CA SER A 200 11.13 -9.03 37.79
C SER A 200 11.48 -7.57 38.03
N ILE A 201 12.48 -7.30 38.85
CA ILE A 201 12.88 -5.92 39.13
C ILE A 201 13.76 -5.41 38.00
N VAL A 202 13.45 -4.22 37.51
CA VAL A 202 14.22 -3.55 36.47
C VAL A 202 14.90 -2.33 37.08
N GLY A 203 16.19 -2.20 36.83
CA GLY A 203 16.95 -1.10 37.38
C GLY A 203 18.42 -1.43 37.45
N THR A 204 19.18 -0.44 37.91
CA THR A 204 20.63 -0.58 37.98
C THR A 204 21.01 -1.52 39.11
N PRO A 205 21.73 -2.61 38.84
CA PRO A 205 22.12 -3.52 39.91
C PRO A 205 23.25 -2.93 40.75
N GLN A 206 23.35 -3.42 41.99
CA GLN A 206 24.45 -3.08 42.87
C GLN A 206 25.50 -4.17 42.84
N GLY A 207 26.66 -3.86 43.42
CA GLY A 207 27.73 -4.81 43.55
C GLY A 207 28.81 -4.76 42.49
N GLY A 208 28.92 -3.66 41.76
CA GLY A 208 29.93 -3.53 40.73
C GLY A 208 29.51 -4.15 39.41
N ASN A 209 30.14 -3.68 38.33
CA ASN A 209 29.81 -4.12 36.98
C ASN A 209 30.87 -5.05 36.41
N LEU A 210 31.66 -5.70 37.26
CA LEU A 210 32.66 -6.66 36.81
C LEU A 210 32.23 -8.11 37.03
N SER A 211 31.62 -8.41 38.18
CA SER A 211 31.25 -9.79 38.47
C SER A 211 30.27 -10.40 37.46
N PRO A 212 29.24 -9.71 36.98
CA PRO A 212 28.37 -10.34 35.96
C PRO A 212 29.11 -10.69 34.68
N LEU A 213 30.07 -9.84 34.28
CA LEU A 213 30.87 -10.15 33.09
C LEU A 213 31.71 -11.40 33.31
N LEU A 214 32.30 -11.54 34.50
CA LEU A 214 33.09 -12.73 34.80
C LEU A 214 32.22 -13.99 34.77
N ALA A 215 31.00 -13.90 35.30
CA ALA A 215 30.10 -15.05 35.26
C ALA A 215 29.73 -15.41 33.83
N ASN A 216 29.53 -14.40 32.97
CA ASN A 216 29.21 -14.68 31.57
C ASN A 216 30.39 -15.33 30.86
N ILE A 217 31.62 -14.92 31.19
CA ILE A 217 32.79 -15.53 30.57
C ILE A 217 32.85 -17.02 30.88
N MSE A 218 32.53 -17.40 32.12
CA MSE A 218 32.50 -18.80 32.53
C MSE A 218 31.37 -19.55 31.82
O MSE A 218 31.60 -20.60 31.21
CB MSE A 218 32.33 -18.90 34.04
CG MSE A 218 32.32 -20.32 34.57
SE MSE A 218 33.97 -21.28 34.15
CE MSE A 218 34.35 -22.02 35.90
N LEU A 219 30.16 -19.01 31.91
CA LEU A 219 28.99 -19.71 31.38
C LEU A 219 28.93 -19.66 29.85
N ASN A 220 29.71 -18.78 29.22
CA ASN A 220 29.85 -18.83 27.77
C ASN A 220 30.41 -20.16 27.30
N GLU A 221 31.16 -20.87 28.16
CA GLU A 221 31.60 -22.21 27.83
C GLU A 221 30.42 -23.16 27.71
N LEU A 222 29.41 -23.01 28.57
CA LEU A 222 28.21 -23.82 28.46
C LEU A 222 27.42 -23.45 27.21
N ASP A 223 27.35 -22.16 26.88
CA ASP A 223 26.66 -21.73 25.66
C ASP A 223 27.27 -22.41 24.43
N LYS A 224 28.59 -22.46 24.34
CA LYS A 224 29.23 -23.08 23.19
C LYS A 224 28.98 -24.58 23.14
N GLU A 225 28.87 -25.23 24.30
CA GLU A 225 28.58 -26.66 24.31
C GLU A 225 27.15 -26.93 23.87
N MSE A 226 26.19 -26.16 24.36
CA MSE A 226 24.79 -26.35 23.99
C MSE A 226 24.56 -26.03 22.52
O MSE A 226 23.82 -26.73 21.83
CB MSE A 226 23.88 -25.47 24.87
CG MSE A 226 23.87 -25.88 26.33
SE MSE A 226 22.65 -24.80 27.41
CE MSE A 226 23.54 -23.07 27.21
N GLU A 227 25.22 -24.98 22.04
CA GLU A 227 25.15 -24.65 20.61
C GLU A 227 25.74 -25.76 19.76
N LYS A 228 26.84 -26.37 20.23
CA LYS A 228 27.46 -27.47 19.50
C LYS A 228 26.51 -28.65 19.36
N ARG A 229 25.66 -28.88 20.36
CA ARG A 229 24.68 -29.96 20.33
C ARG A 229 23.38 -29.55 19.67
N GLY A 230 23.29 -28.35 19.12
CA GLY A 230 22.07 -27.90 18.46
C GLY A 230 20.89 -27.72 19.37
N LEU A 231 21.13 -27.35 20.63
CA LEU A 231 20.06 -27.16 21.59
C LEU A 231 19.51 -25.73 21.52
N ASN A 232 18.23 -25.60 21.83
CA ASN A 232 17.57 -24.29 21.88
C ASN A 232 17.52 -23.85 23.34
N PHE A 233 18.14 -22.71 23.63
CA PHE A 233 18.27 -22.24 25.00
C PHE A 233 18.22 -20.73 25.04
N VAL A 234 17.89 -20.21 26.22
CA VAL A 234 18.15 -18.82 26.59
C VAL A 234 18.86 -18.85 27.94
N ARG A 235 19.74 -17.88 28.16
CA ARG A 235 20.47 -17.78 29.41
C ARG A 235 20.54 -16.34 29.87
N TYR A 236 20.35 -16.15 31.17
CA TYR A 236 20.46 -14.84 31.82
C TYR A 236 21.34 -15.04 33.04
N ALA A 237 22.59 -14.60 32.95
CA ALA A 237 23.62 -14.85 33.97
C ALA A 237 23.72 -16.36 34.16
N ASP A 238 23.48 -16.91 35.35
CA ASP A 238 23.53 -18.35 35.56
C ASP A 238 22.14 -18.97 35.60
N ASP A 239 21.15 -18.35 34.96
CA ASP A 239 19.78 -18.85 34.94
C ASP A 239 19.44 -19.19 33.49
N CYS A 240 19.41 -20.48 33.19
CA CYS A 240 19.26 -20.99 31.83
C CYS A 240 18.11 -21.99 31.76
N ILE A 241 17.37 -21.95 30.65
CA ILE A 241 16.36 -22.96 30.36
C ILE A 241 16.57 -23.44 28.92
N ILE A 242 16.30 -24.71 28.69
CA ILE A 242 16.51 -25.35 27.40
C ILE A 242 15.18 -25.85 26.88
N MSE A 243 14.89 -25.55 25.62
CA MSE A 243 13.63 -25.95 24.98
C MSE A 243 13.85 -27.13 24.03
O MSE A 243 14.57 -27.00 23.04
CB MSE A 243 13.02 -24.76 24.22
CG MSE A 243 12.12 -23.86 25.04
SE MSE A 243 12.96 -23.04 26.61
CE MSE A 243 14.39 -22.06 25.73
N VAL A 244 13.22 -28.27 24.31
CA VAL A 244 13.36 -29.47 23.51
C VAL A 244 11.98 -29.98 23.13
N GLY A 245 11.95 -30.94 22.21
CA GLY A 245 10.72 -31.37 21.59
C GLY A 245 9.97 -32.51 22.24
N SER A 246 10.63 -33.27 23.13
CA SER A 246 9.98 -34.42 23.74
C SER A 246 10.46 -34.58 25.17
N GLU A 247 9.70 -35.39 25.93
CA GLU A 247 10.02 -35.59 27.34
C GLU A 247 11.28 -36.41 27.53
N MSE A 248 11.47 -37.45 26.72
CA MSE A 248 12.61 -38.33 26.89
C MSE A 248 13.91 -37.63 26.47
O MSE A 248 14.95 -37.85 27.09
CB MSE A 248 12.44 -39.64 26.10
CG MSE A 248 12.73 -39.58 24.62
SE MSE A 248 13.05 -41.34 23.86
CE MSE A 248 13.42 -40.84 22.02
N SER A 249 13.84 -36.77 25.46
CA SER A 249 15.01 -35.98 25.09
C SER A 249 15.29 -34.90 26.12
N ALA A 250 14.26 -34.44 26.84
CA ALA A 250 14.47 -33.46 27.91
C ALA A 250 15.25 -34.09 29.06
N ASN A 251 14.86 -35.29 29.47
CA ASN A 251 15.60 -35.99 30.52
C ASN A 251 17.02 -36.31 30.05
N ARG A 252 17.18 -36.62 28.76
CA ARG A 252 18.51 -36.88 28.22
C ARG A 252 19.37 -35.62 28.25
N VAL A 253 18.79 -34.48 27.84
CA VAL A 253 19.53 -33.22 27.90
C VAL A 253 19.83 -32.84 29.35
N MSE A 254 18.88 -33.07 30.24
CA MSE A 254 19.06 -32.78 31.67
C MSE A 254 20.26 -33.54 32.22
O MSE A 254 21.09 -32.97 32.93
CB MSE A 254 17.80 -33.15 32.45
CG MSE A 254 17.99 -33.17 33.96
SE MSE A 254 18.31 -31.40 34.72
CE MSE A 254 16.50 -30.70 34.60
N ARG A 255 20.36 -34.82 31.90
CA ARG A 255 21.49 -35.62 32.38
C ARG A 255 22.81 -35.15 31.77
N ASN A 256 22.83 -34.93 30.46
CA ASN A 256 24.08 -34.62 29.78
C ASN A 256 24.59 -33.23 30.14
N ILE A 257 23.70 -32.24 30.18
CA ILE A 257 24.13 -30.87 30.46
C ILE A 257 24.52 -30.71 31.92
N SER A 258 23.80 -31.37 32.82
CA SER A 258 24.18 -31.33 34.24
C SER A 258 25.56 -31.91 34.46
N ARG A 259 25.88 -33.00 33.78
CA ARG A 259 27.21 -33.60 33.91
C ARG A 259 28.28 -32.67 33.35
N PHE A 260 27.98 -32.00 32.23
CA PHE A 260 28.96 -31.08 31.65
C PHE A 260 29.21 -29.89 32.57
N ILE A 261 28.17 -29.38 33.22
CA ILE A 261 28.32 -28.22 34.09
C ILE A 261 29.20 -28.55 35.29
N GLU A 262 29.01 -29.75 35.86
CA GLU A 262 29.75 -30.09 37.08
C GLU A 262 31.16 -30.59 36.77
N GLU A 263 31.33 -31.34 35.67
CA GLU A 263 32.64 -31.91 35.37
C GLU A 263 33.55 -30.91 34.66
N LYS A 264 33.03 -30.20 33.67
CA LYS A 264 33.87 -29.31 32.87
C LYS A 264 33.94 -27.90 33.43
N LEU A 265 32.88 -27.41 34.07
CA LEU A 265 32.87 -26.05 34.61
C LEU A 265 33.03 -26.01 36.13
N GLY A 266 32.95 -27.15 36.81
CA GLY A 266 33.10 -27.18 38.25
C GLY A 266 31.96 -26.56 39.03
N LEU A 267 30.91 -26.10 38.37
CA LEU A 267 29.76 -25.55 39.06
C LEU A 267 28.90 -26.67 39.62
N LYS A 268 27.98 -26.30 40.51
CA LYS A 268 27.13 -27.26 41.20
C LYS A 268 25.68 -27.08 40.76
N VAL A 269 25.03 -28.18 40.42
CA VAL A 269 23.63 -28.18 40.01
C VAL A 269 22.77 -28.55 41.21
N ASN A 270 21.69 -27.81 41.43
CA ASN A 270 20.74 -28.11 42.50
C ASN A 270 19.72 -29.10 41.96
N MSE A 271 19.90 -30.37 42.31
CA MSE A 271 19.04 -31.42 41.80
C MSE A 271 17.62 -31.34 42.36
O MSE A 271 16.67 -31.82 41.75
CB MSE A 271 19.64 -32.80 42.11
CG MSE A 271 21.02 -33.03 41.49
SE MSE A 271 20.99 -33.92 39.75
CE MSE A 271 20.26 -32.49 38.65
N THR A 272 17.49 -30.74 43.54
CA THR A 272 16.17 -30.58 44.15
C THR A 272 15.32 -29.57 43.37
N LYS A 273 15.92 -28.44 43.00
CA LYS A 273 15.20 -27.39 42.30
C LYS A 273 15.28 -27.52 40.78
N SER A 274 16.10 -28.43 40.26
CA SER A 274 16.11 -28.71 38.83
C SER A 274 15.02 -29.70 38.48
N LYS A 275 14.47 -29.56 37.29
CA LYS A 275 13.33 -30.37 36.88
C LYS A 275 13.12 -30.27 35.39
N VAL A 276 12.43 -31.28 34.84
CA VAL A 276 11.89 -31.23 33.49
C VAL A 276 10.40 -30.96 33.60
N ASP A 277 9.94 -29.91 32.92
CA ASP A 277 8.55 -29.52 33.03
C ASP A 277 8.08 -28.91 31.71
N ARG A 278 6.78 -28.71 31.62
CA ARG A 278 6.14 -28.01 30.52
C ARG A 278 6.00 -26.53 30.87
N PRO A 279 5.81 -25.66 29.87
CA PRO A 279 5.98 -24.20 30.12
C PRO A 279 5.21 -23.65 31.31
N ARG A 280 3.96 -24.07 31.51
CA ARG A 280 3.15 -23.46 32.56
C ARG A 280 3.59 -23.84 33.97
N GLY A 281 4.52 -24.78 34.10
CA GLY A 281 5.14 -25.08 35.37
C GLY A 281 6.49 -24.43 35.59
N ILE A 282 6.91 -23.53 34.70
CA ILE A 282 8.23 -22.91 34.74
C ILE A 282 8.09 -21.48 35.23
N LYS A 283 9.00 -21.08 36.12
CA LYS A 283 9.14 -19.69 36.54
C LYS A 283 10.56 -19.25 36.19
N TYR A 284 10.67 -18.20 35.37
CA TYR A 284 11.96 -17.83 34.78
C TYR A 284 12.06 -16.31 34.73
N LEU A 285 13.05 -15.77 35.43
CA LEU A 285 13.32 -14.32 35.43
C LEU A 285 12.10 -13.54 35.93
N GLY A 286 11.40 -14.11 36.91
CA GLY A 286 10.20 -13.51 37.44
C GLY A 286 8.95 -13.69 36.62
N PHE A 287 9.06 -14.34 35.46
CA PHE A 287 7.91 -14.55 34.58
C PHE A 287 7.35 -15.97 34.75
N GLY A 288 6.03 -16.07 34.59
CA GLY A 288 5.37 -17.34 34.41
C GLY A 288 4.85 -17.46 32.98
N PHE A 289 4.46 -18.68 32.62
CA PHE A 289 4.01 -18.97 31.27
C PHE A 289 2.58 -19.51 31.30
N TYR A 290 1.78 -19.08 30.33
CA TYR A 290 0.42 -19.56 30.16
C TYR A 290 0.15 -19.74 28.67
N TYR A 291 -0.96 -20.41 28.37
CA TYR A 291 -1.35 -20.67 26.98
C TYR A 291 -2.51 -19.76 26.60
N ASP A 292 -2.32 -19.01 25.52
CA ASP A 292 -3.36 -18.12 24.99
C ASP A 292 -4.21 -18.93 24.02
N THR A 293 -5.42 -19.28 24.46
CA THR A 293 -6.29 -20.13 23.64
C THR A 293 -6.63 -19.46 22.32
N SER A 294 -6.97 -18.17 22.34
CA SER A 294 -7.35 -17.48 21.11
C SER A 294 -6.18 -17.34 20.16
N ALA A 295 -5.00 -16.98 20.67
CA ALA A 295 -3.82 -16.87 19.82
C ALA A 295 -3.20 -18.23 19.50
N GLN A 296 -3.57 -19.27 20.25
CA GLN A 296 -3.06 -20.62 20.03
C GLN A 296 -1.54 -20.67 20.19
N GLN A 297 -1.04 -20.09 21.28
CA GLN A 297 0.39 -20.08 21.53
C GLN A 297 0.65 -19.68 22.98
N PHE A 298 1.79 -20.14 23.49
CA PHE A 298 2.22 -19.75 24.83
C PHE A 298 2.59 -18.28 24.86
N LYS A 299 2.32 -17.64 26.01
CA LYS A 299 2.75 -16.28 26.28
C LYS A 299 3.30 -16.24 27.70
N ALA A 300 3.78 -15.07 28.11
CA ALA A 300 4.40 -14.94 29.42
C ALA A 300 3.91 -13.67 30.11
N LYS A 301 3.95 -13.71 31.44
CA LYS A 301 3.55 -12.59 32.28
C LYS A 301 4.19 -12.79 33.65
N PRO A 302 4.33 -11.72 34.44
CA PRO A 302 4.93 -11.87 35.77
C PRO A 302 4.12 -12.82 36.64
N HIS A 303 4.83 -13.71 37.34
CA HIS A 303 4.19 -14.67 38.22
C HIS A 303 4.09 -14.13 39.64
N SER B 17 -6.90 -28.52 -26.67
CA SER B 17 -6.50 -27.99 -25.37
C SER B 17 -7.25 -26.71 -25.04
N LEU B 18 -8.10 -26.28 -25.98
CA LEU B 18 -8.84 -25.04 -25.77
C LEU B 18 -9.84 -25.16 -24.63
N MSE B 19 -10.44 -26.34 -24.47
CA MSE B 19 -11.38 -26.58 -23.39
C MSE B 19 -10.70 -26.53 -22.03
O MSE B 19 -11.23 -25.98 -21.07
CB MSE B 19 -12.09 -27.93 -23.58
CG MSE B 19 -13.17 -28.23 -22.55
SE MSE B 19 -14.80 -27.18 -22.78
CE MSE B 19 -14.45 -25.73 -21.54
N GLU B 20 -9.50 -27.12 -21.96
CA GLU B 20 -8.76 -27.12 -20.70
C GLU B 20 -8.27 -25.72 -20.34
N GLN B 21 -7.95 -24.90 -21.33
CA GLN B 21 -7.60 -23.51 -21.05
C GLN B 21 -8.77 -22.76 -20.43
N ILE B 22 -9.99 -23.07 -20.88
CA ILE B 22 -11.17 -22.45 -20.30
C ILE B 22 -11.39 -22.93 -18.87
N LEU B 23 -11.11 -24.22 -18.61
CA LEU B 23 -11.35 -24.82 -17.31
C LEU B 23 -10.15 -24.71 -16.38
N SER B 24 -9.10 -23.98 -16.77
CA SER B 24 -7.95 -23.82 -15.89
C SER B 24 -8.34 -22.98 -14.67
N ASN B 25 -7.52 -23.10 -13.62
CA ASN B 25 -7.85 -22.46 -12.35
C ASN B 25 -7.78 -20.94 -12.47
N ASP B 26 -6.74 -20.41 -13.09
CA ASP B 26 -6.60 -18.96 -13.20
C ASP B 26 -7.62 -18.35 -14.15
N ASN B 27 -8.05 -19.10 -15.16
CA ASN B 27 -9.09 -18.58 -16.06
C ASN B 27 -10.45 -18.59 -15.38
N LEU B 28 -10.77 -19.66 -14.64
CA LEU B 28 -12.03 -19.71 -13.93
C LEU B 28 -12.05 -18.73 -12.76
N ASN B 29 -10.89 -18.50 -12.12
CA ASN B 29 -10.83 -17.50 -11.06
C ASN B 29 -11.05 -16.10 -11.61
N ARG B 30 -10.43 -15.78 -12.75
CA ARG B 30 -10.64 -14.47 -13.37
C ARG B 30 -12.09 -14.32 -13.83
N ALA B 31 -12.70 -15.41 -14.31
CA ALA B 31 -14.09 -15.34 -14.76
C ALA B 31 -15.03 -15.11 -13.59
N TYR B 32 -14.78 -15.78 -12.46
CA TYR B 32 -15.60 -15.56 -11.27
C TYR B 32 -15.53 -14.11 -10.82
N LEU B 33 -14.33 -13.54 -10.78
CA LEU B 33 -14.17 -12.16 -10.34
C LEU B 33 -14.88 -11.20 -11.28
N GLN B 34 -14.78 -11.42 -12.59
CA GLN B 34 -15.41 -10.51 -13.55
C GLN B 34 -16.93 -10.57 -13.44
N VAL B 35 -17.49 -11.77 -13.29
CA VAL B 35 -18.94 -11.90 -13.19
C VAL B 35 -19.46 -11.26 -11.91
N VAL B 36 -18.77 -11.49 -10.79
CA VAL B 36 -19.16 -10.88 -9.52
C VAL B 36 -19.04 -9.37 -9.60
N ARG B 37 -18.00 -8.87 -10.28
CA ARG B 37 -17.86 -7.43 -10.46
C ARG B 37 -18.98 -6.87 -11.32
N ASN B 38 -19.38 -7.60 -12.37
CA ASN B 38 -20.47 -7.15 -13.22
C ASN B 38 -21.81 -7.14 -12.49
N LYS B 39 -21.95 -7.95 -11.44
CA LYS B 39 -23.19 -8.07 -10.66
C LYS B 39 -24.30 -8.52 -11.62
N GLY B 40 -25.46 -7.88 -11.64
CA GLY B 40 -26.54 -8.24 -12.52
C GLY B 40 -27.69 -8.91 -11.78
N ALA B 41 -28.78 -9.10 -12.51
CA ALA B 41 -29.97 -9.70 -11.95
C ALA B 41 -29.79 -11.21 -11.80
N GLU B 42 -30.80 -11.85 -11.23
CA GLU B 42 -30.77 -13.29 -10.99
C GLU B 42 -31.29 -14.06 -12.20
N GLY B 43 -30.87 -15.32 -12.29
CA GLY B 43 -31.35 -16.21 -13.33
C GLY B 43 -32.63 -16.92 -12.94
N VAL B 44 -32.95 -17.97 -13.71
CA VAL B 44 -34.17 -18.73 -13.45
C VAL B 44 -34.12 -19.46 -12.12
N ASP B 45 -32.92 -19.73 -11.60
CA ASP B 45 -32.76 -20.41 -10.32
C ASP B 45 -32.73 -19.44 -9.14
N GLY B 46 -32.99 -18.15 -9.38
CA GLY B 46 -33.03 -17.17 -8.32
C GLY B 46 -31.72 -16.99 -7.58
N MSE B 47 -30.60 -17.37 -8.19
CA MSE B 47 -29.31 -17.29 -7.53
C MSE B 47 -28.63 -15.95 -7.77
O MSE B 47 -28.43 -15.54 -8.92
CB MSE B 47 -28.42 -18.44 -7.99
CG MSE B 47 -27.00 -18.41 -7.43
SE MSE B 47 -26.17 -20.17 -7.54
CE MSE B 47 -24.38 -19.63 -8.04
N LYS B 48 -28.28 -15.26 -6.70
CA LYS B 48 -27.61 -13.97 -6.79
C LYS B 48 -26.11 -14.17 -7.00
N TYR B 49 -25.45 -13.09 -7.45
CA TYR B 49 -24.01 -13.17 -7.71
C TYR B 49 -23.22 -13.35 -6.43
N THR B 50 -23.76 -12.92 -5.29
CA THR B 50 -23.08 -13.12 -4.01
C THR B 50 -23.10 -14.58 -3.57
N GLU B 51 -24.03 -15.38 -4.09
CA GLU B 51 -24.11 -16.80 -3.80
C GLU B 51 -23.21 -17.64 -4.68
N LEU B 52 -22.49 -17.03 -5.63
CA LEU B 52 -21.71 -17.79 -6.60
C LEU B 52 -20.47 -18.40 -5.96
N LYS B 53 -19.85 -17.67 -5.03
CA LYS B 53 -18.61 -18.15 -4.42
C LYS B 53 -18.83 -19.45 -3.66
N GLU B 54 -19.84 -19.48 -2.78
CA GLU B 54 -20.09 -20.67 -1.99
C GLU B 54 -20.63 -21.82 -2.86
N TYR B 55 -21.42 -21.49 -3.89
CA TYR B 55 -21.95 -22.54 -4.76
C TYR B 55 -20.85 -23.20 -5.58
N LEU B 56 -19.88 -22.42 -6.04
CA LEU B 56 -18.76 -22.99 -6.78
C LEU B 56 -17.83 -23.79 -5.88
N ALA B 57 -17.85 -23.54 -4.57
CA ALA B 57 -17.01 -24.30 -3.65
C ALA B 57 -17.45 -25.76 -3.56
N LYS B 58 -18.76 -26.02 -3.67
CA LYS B 58 -19.28 -27.38 -3.58
C LYS B 58 -19.50 -28.04 -4.93
N ASN B 59 -19.87 -27.26 -5.96
CA ASN B 59 -20.21 -27.82 -7.26
C ASN B 59 -19.26 -27.40 -8.37
N GLY B 60 -18.13 -26.81 -8.03
CA GLY B 60 -17.18 -26.37 -9.04
C GLY B 60 -16.60 -27.51 -9.86
N GLU B 61 -15.97 -28.47 -9.18
CA GLU B 61 -15.38 -29.59 -9.90
C GLU B 61 -16.42 -30.46 -10.58
N ILE B 62 -17.66 -30.46 -10.08
CA ILE B 62 -18.73 -31.19 -10.75
C ILE B 62 -19.05 -30.54 -12.10
N ILE B 63 -19.17 -29.22 -12.12
CA ILE B 63 -19.46 -28.51 -13.37
C ILE B 63 -18.32 -28.69 -14.35
N LYS B 64 -17.07 -28.63 -13.85
CA LYS B 64 -15.91 -28.79 -14.73
C LYS B 64 -15.92 -30.16 -15.40
N GLU B 65 -16.23 -31.21 -14.64
CA GLU B 65 -16.28 -32.55 -15.23
C GLU B 65 -17.47 -32.72 -16.15
N GLN B 66 -18.60 -32.06 -15.85
CA GLN B 66 -19.74 -32.12 -16.76
C GLN B 66 -19.41 -31.48 -18.11
N LEU B 67 -18.71 -30.33 -18.08
CA LEU B 67 -18.32 -29.68 -19.32
C LEU B 67 -17.33 -30.51 -20.12
N ARG B 68 -16.46 -31.28 -19.43
CA ARG B 68 -15.46 -32.06 -20.13
C ARG B 68 -16.07 -33.15 -21.01
N ILE B 69 -17.22 -33.68 -20.61
CA ILE B 69 -17.86 -34.77 -21.32
C ILE B 69 -19.18 -34.32 -21.97
N ARG B 70 -19.36 -33.01 -22.15
CA ARG B 70 -20.53 -32.45 -22.83
C ARG B 70 -21.83 -32.85 -22.13
N LYS B 71 -21.79 -32.92 -20.80
CA LYS B 71 -22.96 -33.30 -20.02
C LYS B 71 -23.57 -32.15 -19.23
N TYR B 72 -22.89 -31.02 -19.14
CA TYR B 72 -23.48 -29.86 -18.49
C TYR B 72 -24.61 -29.29 -19.35
N LYS B 73 -25.72 -28.94 -18.70
CA LYS B 73 -26.88 -28.41 -19.41
C LYS B 73 -27.14 -26.98 -18.96
N PRO B 74 -26.93 -25.99 -19.81
CA PRO B 74 -27.20 -24.61 -19.41
C PRO B 74 -28.68 -24.36 -19.16
N GLN B 75 -28.95 -23.53 -18.15
CA GLN B 75 -30.33 -23.12 -17.89
C GLN B 75 -30.79 -22.14 -18.97
N PRO B 76 -32.10 -22.13 -19.26
CA PRO B 76 -32.61 -21.10 -20.17
C PRO B 76 -32.52 -19.73 -19.55
N VAL B 77 -32.41 -18.71 -20.41
CA VAL B 77 -32.33 -17.34 -19.93
C VAL B 77 -33.67 -16.92 -19.34
N ARG B 78 -33.62 -16.18 -18.23
CA ARG B 78 -34.82 -15.65 -17.61
C ARG B 78 -35.18 -14.32 -18.26
N ARG B 79 -36.46 -14.15 -18.58
CA ARG B 79 -36.95 -12.90 -19.15
C ARG B 79 -37.19 -11.92 -18.01
N VAL B 80 -36.27 -10.99 -17.83
CA VAL B 80 -36.34 -10.01 -16.74
C VAL B 80 -36.68 -8.65 -17.34
N GLU B 81 -37.58 -7.93 -16.69
CA GLU B 81 -37.94 -6.57 -17.09
C GLU B 81 -36.98 -5.60 -16.40
N ILE B 82 -36.14 -4.93 -17.17
CA ILE B 82 -35.12 -4.04 -16.65
C ILE B 82 -35.68 -2.62 -16.71
N PRO B 83 -35.87 -1.95 -15.58
CA PRO B 83 -36.32 -0.55 -15.61
C PRO B 83 -35.29 0.33 -16.33
N LYS B 84 -35.81 1.21 -17.17
CA LYS B 84 -35.01 2.18 -17.91
C LYS B 84 -34.86 3.47 -17.10
N PRO B 85 -33.74 4.19 -17.27
CA PRO B 85 -33.53 5.40 -16.48
C PRO B 85 -34.54 6.51 -16.75
N ASP B 86 -35.32 6.42 -17.83
CA ASP B 86 -36.31 7.44 -18.16
C ASP B 86 -37.71 6.86 -18.23
N GLY B 87 -37.96 5.78 -17.49
CA GLY B 87 -39.27 5.17 -17.44
C GLY B 87 -39.40 3.99 -18.38
N GLY B 88 -40.40 3.15 -18.12
CA GLY B 88 -40.60 1.95 -18.90
C GLY B 88 -39.58 0.88 -18.58
N VAL B 89 -39.74 -0.26 -19.23
CA VAL B 89 -38.87 -1.40 -19.01
C VAL B 89 -38.43 -1.99 -20.34
N ARG B 90 -37.31 -2.69 -20.32
CA ARG B 90 -36.83 -3.49 -21.43
C ARG B 90 -36.84 -4.95 -21.02
N ASN B 91 -37.25 -5.82 -21.94
CA ASN B 91 -37.21 -7.25 -21.71
C ASN B 91 -35.84 -7.78 -22.13
N LEU B 92 -35.15 -8.44 -21.21
CA LEU B 92 -33.78 -8.88 -21.42
C LEU B 92 -33.62 -10.31 -20.95
N GLY B 93 -33.02 -11.14 -21.80
CA GLY B 93 -32.69 -12.50 -21.43
C GLY B 93 -31.46 -12.55 -20.55
N VAL B 94 -31.64 -12.87 -19.27
CA VAL B 94 -30.57 -12.86 -18.29
C VAL B 94 -30.20 -14.31 -17.97
N PRO B 95 -29.01 -14.77 -18.33
CA PRO B 95 -28.59 -16.12 -17.96
C PRO B 95 -28.40 -16.23 -16.45
N THR B 96 -28.43 -17.47 -15.97
CA THR B 96 -28.14 -17.71 -14.56
C THR B 96 -26.68 -17.33 -14.27
N VAL B 97 -26.42 -16.98 -13.02
CA VAL B 97 -25.10 -16.45 -12.69
C VAL B 97 -24.02 -17.52 -12.85
N THR B 98 -24.40 -18.80 -12.70
CA THR B 98 -23.48 -19.88 -13.04
C THR B 98 -23.17 -19.88 -14.52
N ASP B 99 -24.19 -19.71 -15.36
CA ASP B 99 -23.97 -19.67 -16.81
C ASP B 99 -23.19 -18.44 -17.22
N ARG B 100 -23.48 -17.29 -16.59
CA ARG B 100 -22.65 -16.10 -16.84
C ARG B 100 -21.20 -16.37 -16.49
N PHE B 101 -20.96 -17.11 -15.40
CA PHE B 101 -19.61 -17.48 -15.02
C PHE B 101 -18.95 -18.35 -16.08
N ILE B 102 -19.68 -19.33 -16.60
CA ILE B 102 -19.12 -20.20 -17.64
C ILE B 102 -18.97 -19.44 -18.95
N GLN B 103 -19.96 -18.61 -19.31
CA GLN B 103 -19.87 -17.81 -20.52
C GLN B 103 -18.67 -16.87 -20.47
N GLN B 104 -18.42 -16.25 -19.31
CA GLN B 104 -17.25 -15.39 -19.18
C GLN B 104 -15.96 -16.18 -19.33
N ALA B 105 -15.92 -17.40 -18.78
CA ALA B 105 -14.73 -18.25 -18.93
C ALA B 105 -14.48 -18.57 -20.39
N ILE B 106 -15.53 -18.92 -21.14
CA ILE B 106 -15.39 -19.20 -22.56
C ILE B 106 -14.90 -17.95 -23.30
N ALA B 107 -15.50 -16.80 -23.00
CA ALA B 107 -15.20 -15.58 -23.72
C ALA B 107 -13.77 -15.10 -23.48
N GLN B 108 -13.23 -15.31 -22.28
CA GLN B 108 -11.87 -14.87 -21.98
C GLN B 108 -10.83 -15.58 -22.83
N VAL B 109 -11.12 -16.77 -23.32
CA VAL B 109 -10.19 -17.50 -24.16
C VAL B 109 -10.43 -17.22 -25.64
N LEU B 110 -11.70 -17.06 -26.04
CA LEU B 110 -12.03 -16.83 -27.44
C LEU B 110 -11.77 -15.39 -27.87
N THR B 111 -11.85 -14.43 -26.94
CA THR B 111 -11.68 -13.03 -27.31
C THR B 111 -10.30 -12.73 -27.89
N PRO B 112 -9.18 -13.14 -27.29
CA PRO B 112 -7.89 -12.85 -27.93
C PRO B 112 -7.74 -13.50 -29.29
N ILE B 113 -8.37 -14.65 -29.50
CA ILE B 113 -8.27 -15.33 -30.79
C ILE B 113 -8.96 -14.51 -31.88
N TYR B 114 -10.14 -13.98 -31.59
CA TYR B 114 -10.90 -13.24 -32.58
C TYR B 114 -10.54 -11.76 -32.65
N GLU B 115 -9.91 -11.20 -31.62
CA GLU B 115 -9.40 -9.84 -31.71
C GLU B 115 -8.35 -9.71 -32.81
N GLU B 116 -7.68 -10.80 -33.17
CA GLU B 116 -6.72 -10.75 -34.26
C GLU B 116 -7.41 -10.65 -35.62
N GLN B 117 -8.64 -11.16 -35.73
CA GLN B 117 -9.35 -11.17 -37.00
C GLN B 117 -10.21 -9.94 -37.23
N PHE B 118 -10.64 -9.26 -36.16
CA PHE B 118 -11.72 -8.29 -36.28
C PHE B 118 -11.28 -7.02 -37.01
N HIS B 119 -12.24 -6.41 -37.71
CA HIS B 119 -12.00 -5.18 -38.44
C HIS B 119 -11.81 -4.02 -37.47
N ASP B 120 -10.93 -3.07 -37.86
CA ASP B 120 -10.63 -1.94 -36.99
C ASP B 120 -11.83 -1.02 -36.80
N HIS B 121 -12.80 -1.06 -37.71
CA HIS B 121 -13.99 -0.21 -37.63
C HIS B 121 -15.16 -0.93 -36.96
N SER B 122 -14.89 -1.99 -36.21
CA SER B 122 -15.88 -2.64 -35.36
C SER B 122 -15.60 -2.24 -33.92
N TYR B 123 -16.60 -1.64 -33.26
CA TYR B 123 -16.40 -1.06 -31.94
C TYR B 123 -17.32 -1.62 -30.86
N GLY B 124 -18.21 -2.55 -31.19
CA GLY B 124 -19.20 -3.01 -30.23
C GLY B 124 -18.76 -4.14 -29.33
N PHE B 125 -18.76 -3.88 -28.01
CA PHE B 125 -18.47 -4.90 -27.00
C PHE B 125 -17.08 -5.51 -27.19
N ARG B 126 -16.11 -4.66 -27.53
CA ARG B 126 -14.73 -5.09 -27.70
C ARG B 126 -13.84 -4.40 -26.67
N PRO B 127 -12.74 -5.03 -26.27
CA PRO B 127 -11.84 -4.40 -25.29
C PRO B 127 -11.27 -3.09 -25.82
N ASN B 128 -11.30 -2.06 -24.97
CA ASN B 128 -10.75 -0.74 -25.25
C ASN B 128 -11.46 -0.04 -26.40
N ARG B 129 -12.72 -0.38 -26.65
CA ARG B 129 -13.51 0.26 -27.69
C ARG B 129 -14.88 0.63 -27.12
N CYS B 130 -15.45 1.70 -27.66
CA CYS B 130 -16.74 2.19 -27.19
C CYS B 130 -17.48 2.85 -28.34
N ALA B 131 -18.73 3.23 -28.07
CA ALA B 131 -19.58 3.81 -29.11
C ALA B 131 -19.03 5.13 -29.62
N GLN B 132 -18.31 5.87 -28.78
CA GLN B 132 -17.84 7.20 -29.16
C GLN B 132 -16.77 7.12 -30.25
N GLN B 133 -16.00 6.04 -30.29
CA GLN B 133 -15.00 5.89 -31.34
C GLN B 133 -15.65 5.65 -32.69
N ALA B 134 -16.75 4.89 -32.71
CA ALA B 134 -17.51 4.69 -33.95
C ALA B 134 -18.05 6.01 -34.47
N ILE B 135 -18.50 6.88 -33.56
CA ILE B 135 -19.01 8.19 -33.95
C ILE B 135 -17.90 9.03 -34.56
N LEU B 136 -16.73 9.03 -33.93
CA LEU B 136 -15.61 9.82 -34.42
C LEU B 136 -15.15 9.36 -35.80
N THR B 137 -15.03 8.05 -36.00
CA THR B 137 -14.62 7.53 -37.30
C THR B 137 -15.65 7.84 -38.37
N ALA B 138 -16.93 7.74 -38.04
CA ALA B 138 -17.97 8.06 -39.01
C ALA B 138 -17.98 9.55 -39.36
N LEU B 139 -17.67 10.41 -38.38
CA LEU B 139 -17.62 11.84 -38.64
C LEU B 139 -16.49 12.18 -39.62
N ASP B 140 -15.33 11.53 -39.46
CA ASP B 140 -14.22 11.77 -40.37
C ASP B 140 -14.59 11.38 -41.80
N MSE B 141 -15.32 10.28 -41.96
CA MSE B 141 -15.74 9.82 -43.28
C MSE B 141 -16.73 10.78 -43.92
O MSE B 141 -16.65 11.07 -45.11
CB MSE B 141 -16.34 8.42 -43.19
CG MSE B 141 -15.34 7.35 -42.79
SE MSE B 141 -16.18 5.70 -42.22
CE MSE B 141 -14.60 4.55 -42.17
N MSE B 142 -17.68 11.27 -43.12
CA MSE B 142 -18.66 12.24 -43.58
C MSE B 142 -17.98 13.53 -44.03
O MSE B 142 -18.29 14.09 -45.08
CB MSE B 142 -19.67 12.56 -42.48
CG MSE B 142 -20.58 11.40 -42.09
SE MSE B 142 -21.60 11.80 -40.48
CE MSE B 142 -22.57 10.12 -40.31
N ASN B 143 -17.03 14.00 -43.21
CA ASN B 143 -16.32 15.24 -43.52
C ASN B 143 -15.34 15.10 -44.67
N ASP B 144 -15.11 13.88 -45.16
CA ASP B 144 -14.31 13.66 -46.36
C ASP B 144 -15.14 13.70 -47.63
N GLY B 145 -16.42 14.06 -47.54
CA GLY B 145 -17.31 14.08 -48.68
C GLY B 145 -18.24 12.90 -48.79
N ASN B 146 -18.15 11.93 -47.88
CA ASN B 146 -19.04 10.76 -47.89
C ASN B 146 -20.19 11.00 -46.92
N ASP B 147 -21.05 11.95 -47.29
CA ASP B 147 -22.17 12.36 -46.45
C ASP B 147 -23.50 11.81 -46.95
N TRP B 148 -23.48 10.69 -47.66
CA TRP B 148 -24.68 9.92 -47.98
C TRP B 148 -24.59 8.61 -47.20
N ILE B 149 -25.38 8.49 -46.15
CA ILE B 149 -25.26 7.41 -45.18
C ILE B 149 -26.25 6.30 -45.52
N VAL B 150 -25.74 5.08 -45.64
CA VAL B 150 -26.58 3.89 -45.79
C VAL B 150 -26.83 3.35 -44.38
N ASP B 151 -28.07 3.46 -43.92
CA ASP B 151 -28.45 3.06 -42.56
C ASP B 151 -29.34 1.81 -42.68
N ILE B 152 -28.73 0.65 -42.49
CA ILE B 152 -29.42 -0.63 -42.65
C ILE B 152 -29.85 -1.11 -41.27
N ASP B 153 -31.16 -1.33 -41.10
CA ASP B 153 -31.70 -1.83 -39.85
C ASP B 153 -31.83 -3.35 -39.91
N LEU B 154 -31.29 -4.02 -38.90
CA LEU B 154 -31.31 -5.48 -38.82
C LEU B 154 -32.32 -5.91 -37.76
N GLU B 155 -33.02 -7.01 -38.03
CA GLU B 155 -33.87 -7.60 -37.02
C GLU B 155 -33.00 -8.09 -35.86
N LYS B 156 -33.65 -8.39 -34.74
CA LYS B 156 -32.94 -8.85 -33.55
C LYS B 156 -32.03 -10.02 -33.89
N PHE B 157 -30.74 -9.87 -33.55
CA PHE B 157 -29.72 -10.79 -34.03
C PHE B 157 -30.00 -12.23 -33.58
N PHE B 158 -30.14 -12.44 -32.27
CA PHE B 158 -30.30 -13.78 -31.76
C PHE B 158 -31.71 -14.34 -31.90
N ASP B 159 -32.65 -13.52 -32.39
CA ASP B 159 -33.97 -14.03 -32.76
C ASP B 159 -34.03 -14.48 -34.22
N THR B 160 -32.98 -14.24 -35.00
CA THR B 160 -32.98 -14.56 -36.42
C THR B 160 -31.79 -15.39 -36.89
N VAL B 161 -30.71 -15.49 -36.12
CA VAL B 161 -29.51 -16.16 -36.60
C VAL B 161 -29.78 -17.64 -36.76
N ASN B 162 -29.32 -18.20 -37.88
CA ASN B 162 -29.27 -19.64 -38.03
C ASN B 162 -28.10 -20.18 -37.21
N HIS B 163 -28.41 -21.00 -36.20
CA HIS B 163 -27.37 -21.52 -35.32
C HIS B 163 -26.34 -22.33 -36.09
N ASP B 164 -26.80 -23.14 -37.05
CA ASP B 164 -25.87 -23.94 -37.84
C ASP B 164 -24.92 -23.06 -38.64
N LYS B 165 -25.41 -21.93 -39.15
CA LYS B 165 -24.55 -21.04 -39.93
C LYS B 165 -23.50 -20.38 -39.04
N LEU B 166 -23.89 -19.96 -37.84
CA LEU B 166 -22.93 -19.34 -36.93
C LEU B 166 -21.86 -20.36 -36.50
N MSE B 167 -22.30 -21.56 -36.13
CA MSE B 167 -21.36 -22.59 -35.66
C MSE B 167 -20.39 -23.00 -36.76
O MSE B 167 -19.22 -23.28 -36.48
CB MSE B 167 -22.12 -23.81 -35.15
CG MSE B 167 -23.00 -23.54 -33.93
SE MSE B 167 -22.14 -22.41 -32.60
CE MSE B 167 -20.57 -23.51 -32.22
N THR B 168 -20.87 -23.05 -38.00
CA THR B 168 -19.99 -23.36 -39.12
C THR B 168 -18.91 -22.29 -39.28
N ILE B 169 -19.29 -21.02 -39.18
CA ILE B 169 -18.30 -19.94 -39.26
C ILE B 169 -17.35 -20.01 -38.07
N ILE B 170 -17.88 -20.26 -36.88
CA ILE B 170 -17.02 -20.40 -35.70
C ILE B 170 -16.07 -21.58 -35.86
N GLY B 171 -16.59 -22.71 -36.37
CA GLY B 171 -15.77 -23.89 -36.56
C GLY B 171 -14.58 -23.69 -37.47
N ARG B 172 -14.63 -22.69 -38.36
CA ARG B 172 -13.49 -22.38 -39.20
C ARG B 172 -12.28 -21.94 -38.40
N THR B 173 -12.50 -21.44 -37.18
CA THR B 173 -11.42 -21.03 -36.29
C THR B 173 -11.25 -21.95 -35.09
N ILE B 174 -12.34 -22.24 -34.39
CA ILE B 174 -12.31 -23.08 -33.18
C ILE B 174 -12.46 -24.53 -33.59
N LYS B 175 -11.41 -25.33 -33.34
CA LYS B 175 -11.41 -26.74 -33.71
C LYS B 175 -11.74 -27.66 -32.54
N ASP B 176 -11.76 -27.14 -31.31
CA ASP B 176 -12.10 -27.94 -30.14
C ASP B 176 -13.58 -28.27 -30.17
N GLY B 177 -13.91 -29.54 -30.41
CA GLY B 177 -15.31 -29.97 -30.45
C GLY B 177 -16.04 -29.78 -29.14
N ASP B 178 -15.32 -29.77 -28.02
CA ASP B 178 -15.97 -29.53 -26.74
C ASP B 178 -16.39 -28.07 -26.61
N VAL B 179 -15.58 -27.15 -27.14
CA VAL B 179 -15.96 -25.74 -27.13
C VAL B 179 -17.10 -25.49 -28.10
N ILE B 180 -17.05 -26.13 -29.28
CA ILE B 180 -18.15 -26.00 -30.25
C ILE B 180 -19.47 -26.43 -29.63
N SER B 181 -19.45 -27.52 -28.85
CA SER B 181 -20.68 -28.05 -28.29
C SER B 181 -21.28 -27.11 -27.26
N ILE B 182 -20.46 -26.60 -26.34
CA ILE B 182 -20.99 -25.77 -25.26
C ILE B 182 -21.45 -24.41 -25.79
N VAL B 183 -20.78 -23.88 -26.81
CA VAL B 183 -21.18 -22.60 -27.37
C VAL B 183 -22.55 -22.69 -28.01
N ARG B 184 -22.79 -23.73 -28.79
CA ARG B 184 -24.11 -23.93 -29.40
C ARG B 184 -25.18 -24.11 -28.33
N LYS B 185 -24.85 -24.78 -27.23
CA LYS B 185 -25.83 -24.97 -26.17
C LYS B 185 -26.22 -23.65 -25.52
N TYR B 186 -25.30 -22.67 -25.50
CA TYR B 186 -25.65 -21.37 -24.94
C TYR B 186 -26.46 -20.53 -25.91
N LEU B 187 -26.30 -20.76 -27.23
CA LEU B 187 -27.23 -20.16 -28.19
C LEU B 187 -28.64 -20.68 -27.98
N VAL B 188 -28.79 -21.98 -27.71
CA VAL B 188 -30.11 -22.56 -27.49
C VAL B 188 -30.71 -22.06 -26.19
N SER B 189 -29.89 -21.77 -25.19
CA SER B 189 -30.41 -21.23 -23.93
C SER B 189 -31.07 -19.87 -24.10
N GLY B 190 -30.71 -19.13 -25.14
CA GLY B 190 -31.33 -17.86 -25.43
C GLY B 190 -30.50 -16.62 -25.10
N ILE B 191 -29.17 -16.74 -25.09
CA ILE B 191 -28.34 -15.57 -24.78
C ILE B 191 -28.53 -14.50 -25.85
N MSE B 192 -28.47 -13.24 -25.42
CA MSE B 192 -28.74 -12.12 -26.32
C MSE B 192 -27.98 -10.87 -25.90
O MSE B 192 -27.25 -10.86 -24.91
CB MSE B 192 -30.24 -11.82 -26.36
CG MSE B 192 -30.83 -11.45 -25.01
SE MSE B 192 -32.73 -11.03 -25.13
CE MSE B 192 -32.64 -9.55 -26.40
N ILE B 193 -28.16 -9.79 -26.66
CA ILE B 193 -27.40 -8.55 -26.52
C ILE B 193 -28.22 -7.54 -25.73
N ASP B 194 -27.59 -6.92 -24.73
CA ASP B 194 -28.16 -5.77 -24.04
C ASP B 194 -28.00 -4.55 -24.94
N ASP B 195 -29.12 -4.06 -25.49
CA ASP B 195 -29.09 -2.98 -26.47
C ASP B 195 -29.27 -1.60 -25.86
N GLU B 196 -28.97 -1.44 -24.56
CA GLU B 196 -29.17 -0.15 -23.91
C GLU B 196 -28.20 0.91 -24.43
N TYR B 197 -27.19 0.54 -25.21
CA TYR B 197 -26.32 1.54 -25.84
C TYR B 197 -27.09 2.42 -26.81
N GLU B 198 -28.21 1.93 -27.36
CA GLU B 198 -29.00 2.72 -28.29
C GLU B 198 -29.61 3.95 -27.66
N ASP B 199 -29.63 4.04 -26.32
CA ASP B 199 -30.01 5.24 -25.60
C ASP B 199 -28.82 6.00 -25.05
N SER B 200 -27.63 5.80 -25.63
CA SER B 200 -26.39 6.43 -25.21
C SER B 200 -26.01 6.07 -23.77
N ILE B 201 -26.51 4.95 -23.27
CA ILE B 201 -26.20 4.52 -21.90
C ILE B 201 -24.81 3.91 -21.89
N VAL B 202 -24.04 4.26 -20.86
CA VAL B 202 -22.68 3.77 -20.68
C VAL B 202 -22.64 2.99 -19.37
N GLY B 203 -22.10 1.78 -19.42
CA GLY B 203 -22.03 0.95 -18.24
C GLY B 203 -21.95 -0.52 -18.60
N THR B 204 -21.88 -1.34 -17.57
CA THR B 204 -21.75 -2.78 -17.75
C THR B 204 -23.06 -3.37 -18.25
N PRO B 205 -23.10 -4.00 -19.41
CA PRO B 205 -24.35 -4.61 -19.89
C PRO B 205 -24.69 -5.88 -19.12
N GLN B 206 -25.95 -6.26 -19.20
CA GLN B 206 -26.42 -7.51 -18.66
C GLN B 206 -26.56 -8.55 -19.77
N GLY B 207 -26.79 -9.79 -19.38
CA GLY B 207 -27.03 -10.86 -20.32
C GLY B 207 -25.83 -11.71 -20.67
N GLY B 208 -24.81 -11.74 -19.83
CA GLY B 208 -23.62 -12.52 -20.11
C GLY B 208 -22.69 -11.84 -21.09
N ASN B 209 -21.41 -12.23 -21.03
CA ASN B 209 -20.37 -11.65 -21.86
C ASN B 209 -19.95 -12.60 -22.98
N LEU B 210 -20.84 -13.47 -23.43
CA LEU B 210 -20.58 -14.35 -24.56
C LEU B 210 -21.36 -13.97 -25.80
N SER B 211 -22.64 -13.62 -25.65
CA SER B 211 -23.46 -13.29 -26.81
C SER B 211 -22.91 -12.15 -27.66
N PRO B 212 -22.37 -11.05 -27.09
CA PRO B 212 -21.82 -10.00 -27.97
C PRO B 212 -20.65 -10.48 -28.82
N LEU B 213 -19.80 -11.33 -28.25
CA LEU B 213 -18.67 -11.86 -29.03
C LEU B 213 -19.17 -12.70 -30.21
N LEU B 214 -20.16 -13.56 -29.97
CA LEU B 214 -20.69 -14.40 -31.04
C LEU B 214 -21.33 -13.55 -32.13
N ALA B 215 -21.99 -12.45 -31.76
CA ALA B 215 -22.56 -11.55 -32.75
C ALA B 215 -21.47 -10.90 -33.60
N ASN B 216 -20.34 -10.57 -32.98
CA ASN B 216 -19.24 -9.99 -33.74
C ASN B 216 -18.58 -11.01 -34.66
N ILE B 217 -18.57 -12.28 -34.26
CA ILE B 217 -18.00 -13.32 -35.12
C ILE B 217 -18.83 -13.46 -36.39
N MSE B 218 -20.15 -13.44 -36.26
CA MSE B 218 -21.05 -13.52 -37.40
C MSE B 218 -20.92 -12.29 -38.28
O MSE B 218 -20.74 -12.40 -39.50
CB MSE B 218 -22.49 -13.69 -36.93
CG MSE B 218 -23.52 -13.74 -38.04
SE MSE B 218 -23.34 -15.33 -39.15
CE MSE B 218 -25.17 -15.98 -39.05
N LEU B 219 -21.02 -11.12 -37.67
CA LEU B 219 -21.00 -9.86 -38.42
C LEU B 219 -19.61 -9.48 -38.90
N ASN B 220 -18.56 -10.15 -38.44
CA ASN B 220 -17.24 -9.98 -39.02
C ASN B 220 -17.22 -10.40 -40.48
N GLU B 221 -18.11 -11.34 -40.85
CA GLU B 221 -18.24 -11.71 -42.26
C GLU B 221 -18.74 -10.53 -43.09
N LEU B 222 -19.61 -9.69 -42.51
CA LEU B 222 -20.08 -8.51 -43.23
C LEU B 222 -18.97 -7.45 -43.31
N ASP B 223 -18.15 -7.33 -42.27
CA ASP B 223 -17.05 -6.37 -42.30
C ASP B 223 -16.06 -6.70 -43.40
N LYS B 224 -15.75 -7.99 -43.58
CA LYS B 224 -14.81 -8.38 -44.63
C LYS B 224 -15.40 -8.13 -46.02
N GLU B 225 -16.70 -8.34 -46.17
CA GLU B 225 -17.34 -8.08 -47.46
C GLU B 225 -17.32 -6.59 -47.80
N MSE B 226 -17.64 -5.74 -46.82
CA MSE B 226 -17.65 -4.30 -47.04
C MSE B 226 -16.24 -3.76 -47.28
O MSE B 226 -16.03 -2.88 -48.11
CB MSE B 226 -18.30 -3.59 -45.86
CG MSE B 226 -19.79 -3.85 -45.72
SE MSE B 226 -20.63 -2.88 -44.26
CE MSE B 226 -19.70 -3.73 -42.76
N GLU B 227 -15.26 -4.30 -46.54
CA GLU B 227 -13.87 -3.96 -46.79
C GLU B 227 -13.45 -4.39 -48.19
N LYS B 228 -13.93 -5.55 -48.63
CA LYS B 228 -13.59 -6.05 -49.96
C LYS B 228 -14.10 -5.11 -51.05
N ARG B 229 -15.27 -4.50 -50.83
CA ARG B 229 -15.86 -3.59 -51.79
C ARG B 229 -15.39 -2.15 -51.61
N GLY B 230 -14.50 -1.88 -50.67
CA GLY B 230 -13.96 -0.55 -50.49
C GLY B 230 -14.89 0.43 -49.82
N LEU B 231 -15.88 -0.05 -49.07
CA LEU B 231 -16.85 0.84 -48.44
C LEU B 231 -16.30 1.42 -47.14
N ASN B 232 -16.75 2.63 -46.83
CA ASN B 232 -16.46 3.28 -45.55
C ASN B 232 -17.62 3.01 -44.60
N PHE B 233 -17.33 2.39 -43.47
CA PHE B 233 -18.39 1.99 -42.55
C PHE B 233 -17.86 2.04 -41.12
N VAL B 234 -18.81 2.05 -40.19
CA VAL B 234 -18.55 1.75 -38.78
C VAL B 234 -19.63 0.78 -38.32
N ARG B 235 -19.30 -0.06 -37.35
CA ARG B 235 -20.26 -1.03 -36.84
C ARG B 235 -20.12 -1.18 -35.34
N TYR B 236 -21.26 -1.16 -34.66
CA TYR B 236 -21.34 -1.39 -33.21
C TYR B 236 -22.36 -2.50 -33.01
N ALA B 237 -21.87 -3.72 -32.75
CA ALA B 237 -22.70 -4.92 -32.66
C ALA B 237 -23.44 -5.07 -33.98
N ASP B 238 -24.77 -5.09 -34.02
CA ASP B 238 -25.52 -5.24 -35.26
C ASP B 238 -26.06 -3.89 -35.77
N ASP B 239 -25.46 -2.78 -35.35
CA ASP B 239 -25.86 -1.45 -35.79
C ASP B 239 -24.73 -0.89 -36.65
N CYS B 240 -24.98 -0.79 -37.96
CA CYS B 240 -23.97 -0.39 -38.92
C CYS B 240 -24.50 0.72 -39.82
N ILE B 241 -23.63 1.69 -40.13
CA ILE B 241 -23.92 2.72 -41.11
C ILE B 241 -22.75 2.81 -42.08
N ILE B 242 -23.06 3.05 -43.36
CA ILE B 242 -22.08 3.08 -44.42
C ILE B 242 -22.04 4.49 -45.01
N MSE B 243 -20.84 5.05 -45.12
CA MSE B 243 -20.66 6.39 -45.65
C MSE B 243 -20.27 6.38 -47.12
O MSE B 243 -19.18 5.93 -47.48
CB MSE B 243 -19.60 7.15 -44.84
CG MSE B 243 -20.15 7.93 -43.64
SE MSE B 243 -21.13 6.84 -42.36
CE MSE B 243 -19.76 5.52 -41.95
N VAL B 244 -21.16 6.87 -47.98
CA VAL B 244 -20.96 6.88 -49.42
C VAL B 244 -21.00 8.32 -49.92
N GLY B 245 -20.41 8.54 -51.10
CA GLY B 245 -20.23 9.88 -51.63
C GLY B 245 -21.38 10.46 -52.42
N SER B 246 -22.29 9.62 -52.91
CA SER B 246 -23.41 10.10 -53.72
C SER B 246 -24.67 9.31 -53.37
N GLU B 247 -25.81 9.87 -53.77
CA GLU B 247 -27.09 9.21 -53.51
C GLU B 247 -27.28 7.98 -54.39
N MSE B 248 -26.84 8.05 -55.64
CA MSE B 248 -26.95 6.93 -56.56
C MSE B 248 -26.19 5.72 -56.04
O MSE B 248 -26.72 4.62 -55.97
CB MSE B 248 -26.43 7.32 -57.95
CG MSE B 248 -26.50 6.21 -58.97
SE MSE B 248 -25.29 6.49 -60.46
CE MSE B 248 -23.59 6.38 -59.50
N SER B 249 -24.92 5.94 -55.67
CA SER B 249 -24.10 4.87 -55.13
C SER B 249 -24.61 4.42 -53.77
N ALA B 250 -25.28 5.30 -53.02
CA ALA B 250 -25.85 4.90 -51.74
C ALA B 250 -26.99 3.91 -51.92
N ASN B 251 -27.87 4.16 -52.89
CA ASN B 251 -28.94 3.20 -53.18
C ASN B 251 -28.40 1.91 -53.75
N ARG B 252 -27.30 1.96 -54.50
CA ARG B 252 -26.67 0.74 -54.99
C ARG B 252 -26.06 -0.06 -53.84
N VAL B 253 -25.37 0.61 -52.92
CA VAL B 253 -24.82 -0.06 -51.76
C VAL B 253 -25.94 -0.66 -50.91
N MSE B 254 -27.06 0.06 -50.79
CA MSE B 254 -28.20 -0.41 -50.01
C MSE B 254 -28.70 -1.77 -50.49
O MSE B 254 -28.78 -2.70 -49.69
CB MSE B 254 -29.34 0.62 -50.10
CG MSE B 254 -30.64 0.14 -49.47
SE MSE B 254 -30.55 -0.06 -47.54
CE MSE B 254 -30.52 1.82 -47.02
N ARG B 255 -29.02 -1.88 -51.78
CA ARG B 255 -29.52 -3.14 -52.31
C ARG B 255 -28.45 -4.23 -52.24
N ASN B 256 -27.21 -3.88 -52.56
CA ASN B 256 -26.15 -4.88 -52.61
C ASN B 256 -25.81 -5.45 -51.23
N ILE B 257 -25.70 -4.57 -50.23
CA ILE B 257 -25.35 -5.04 -48.90
C ILE B 257 -26.53 -5.74 -48.23
N SER B 258 -27.75 -5.22 -48.44
CA SER B 258 -28.93 -5.88 -47.90
C SER B 258 -29.10 -7.28 -48.50
N ARG B 259 -28.85 -7.42 -49.80
CA ARG B 259 -28.93 -8.74 -50.43
C ARG B 259 -27.88 -9.68 -49.86
N PHE B 260 -26.67 -9.17 -49.62
CA PHE B 260 -25.61 -10.01 -49.07
C PHE B 260 -25.94 -10.47 -47.66
N ILE B 261 -26.52 -9.59 -46.85
CA ILE B 261 -26.82 -9.93 -45.46
C ILE B 261 -27.84 -11.06 -45.38
N GLU B 262 -28.83 -11.06 -46.28
CA GLU B 262 -29.89 -12.05 -46.19
C GLU B 262 -29.53 -13.35 -46.89
N GLU B 263 -28.82 -13.27 -48.02
CA GLU B 263 -28.50 -14.48 -48.79
C GLU B 263 -27.24 -15.17 -48.30
N LYS B 264 -26.20 -14.42 -47.95
CA LYS B 264 -24.94 -15.03 -47.57
C LYS B 264 -24.81 -15.23 -46.06
N LEU B 265 -25.40 -14.36 -45.25
CA LEU B 265 -25.29 -14.46 -43.81
C LEU B 265 -26.52 -15.07 -43.14
N GLY B 266 -27.67 -15.05 -43.81
CA GLY B 266 -28.88 -15.61 -43.22
C GLY B 266 -29.56 -14.73 -42.21
N LEU B 267 -29.31 -13.43 -42.24
CA LEU B 267 -29.97 -12.48 -41.36
C LEU B 267 -31.13 -11.82 -42.09
N LYS B 268 -31.95 -11.10 -41.33
CA LYS B 268 -33.13 -10.43 -41.87
C LYS B 268 -32.96 -8.91 -41.76
N VAL B 269 -33.23 -8.22 -42.85
CA VAL B 269 -33.14 -6.76 -42.90
C VAL B 269 -34.55 -6.18 -42.84
N ASN B 270 -34.76 -5.23 -41.94
CA ASN B 270 -36.04 -4.51 -41.85
C ASN B 270 -35.97 -3.34 -42.83
N MSE B 271 -36.55 -3.54 -44.01
CA MSE B 271 -36.49 -2.54 -45.08
C MSE B 271 -37.24 -1.26 -44.72
O MSE B 271 -36.90 -0.18 -45.21
CB MSE B 271 -37.05 -3.12 -46.38
CG MSE B 271 -36.20 -4.23 -46.97
SE MSE B 271 -34.34 -3.68 -47.23
CE MSE B 271 -34.65 -2.06 -48.28
N THR B 272 -38.27 -1.37 -43.88
CA THR B 272 -39.05 -0.20 -43.51
C THR B 272 -38.27 0.72 -42.58
N LYS B 273 -37.44 0.16 -41.71
CA LYS B 273 -36.60 0.95 -40.81
C LYS B 273 -35.24 1.30 -41.41
N SER B 274 -34.89 0.73 -42.55
CA SER B 274 -33.67 1.07 -43.26
C SER B 274 -33.92 2.22 -44.21
N LYS B 275 -32.90 3.07 -44.39
CA LYS B 275 -33.08 4.24 -45.24
C LYS B 275 -31.72 4.78 -45.67
N VAL B 276 -31.76 5.54 -46.76
CA VAL B 276 -30.63 6.36 -47.21
C VAL B 276 -30.96 7.80 -46.88
N ASP B 277 -30.03 8.49 -46.23
CA ASP B 277 -30.29 9.86 -45.82
C ASP B 277 -28.96 10.59 -45.62
N ARG B 278 -29.07 11.91 -45.42
CA ARG B 278 -27.94 12.74 -45.05
C ARG B 278 -27.72 12.63 -43.54
N PRO B 279 -26.56 13.08 -43.04
CA PRO B 279 -26.29 12.95 -41.60
C PRO B 279 -27.35 13.55 -40.68
N ARG B 280 -28.03 14.62 -41.11
CA ARG B 280 -28.99 15.27 -40.23
C ARG B 280 -30.17 14.37 -39.87
N GLY B 281 -30.44 13.34 -40.67
CA GLY B 281 -31.52 12.42 -40.40
C GLY B 281 -31.11 11.07 -39.86
N ILE B 282 -29.86 10.92 -39.44
CA ILE B 282 -29.34 9.63 -38.99
C ILE B 282 -29.31 9.60 -37.47
N LYS B 283 -29.85 8.53 -36.89
CA LYS B 283 -29.76 8.25 -35.46
C LYS B 283 -28.87 7.03 -35.27
N TYR B 284 -27.75 7.21 -34.59
CA TYR B 284 -26.75 6.15 -34.47
C TYR B 284 -26.19 6.13 -33.06
N LEU B 285 -26.40 5.02 -32.35
CA LEU B 285 -25.87 4.80 -31.00
C LEU B 285 -26.31 5.91 -30.04
N GLY B 286 -27.54 6.39 -30.24
CA GLY B 286 -28.07 7.46 -29.42
C GLY B 286 -27.59 8.85 -29.77
N PHE B 287 -26.81 8.99 -30.83
CA PHE B 287 -26.30 10.28 -31.26
C PHE B 287 -27.02 10.77 -32.50
N GLY B 288 -27.16 12.09 -32.60
CA GLY B 288 -27.59 12.75 -33.81
C GLY B 288 -26.43 13.48 -34.45
N PHE B 289 -26.64 13.88 -35.71
CA PHE B 289 -25.62 14.58 -36.47
C PHE B 289 -26.16 15.92 -36.93
N TYR B 290 -25.31 16.95 -36.85
CA TYR B 290 -25.65 18.29 -37.31
C TYR B 290 -24.43 18.89 -37.99
N TYR B 291 -24.64 19.97 -38.72
CA TYR B 291 -23.58 20.66 -39.44
C TYR B 291 -23.18 21.91 -38.67
N ASP B 292 -21.91 21.97 -38.25
CA ASP B 292 -21.35 23.13 -37.57
C ASP B 292 -20.95 24.15 -38.64
N THR B 293 -21.71 25.23 -38.75
CA THR B 293 -21.42 26.23 -39.78
C THR B 293 -20.12 26.97 -39.48
N SER B 294 -19.83 27.22 -38.20
CA SER B 294 -18.58 27.90 -37.86
C SER B 294 -17.37 27.03 -38.18
N ALA B 295 -17.39 25.77 -37.73
CA ALA B 295 -16.30 24.85 -38.01
C ALA B 295 -16.35 24.28 -39.42
N GLN B 296 -17.46 24.46 -40.14
CA GLN B 296 -17.60 24.01 -41.52
C GLN B 296 -17.42 22.49 -41.64
N GLN B 297 -18.04 21.75 -40.73
CA GLN B 297 -17.96 20.29 -40.76
C GLN B 297 -19.08 19.72 -39.91
N PHE B 298 -19.31 18.42 -40.09
CA PHE B 298 -20.32 17.72 -39.31
C PHE B 298 -19.79 17.37 -37.94
N LYS B 299 -20.66 17.45 -36.94
CA LYS B 299 -20.36 17.02 -35.58
C LYS B 299 -21.52 16.18 -35.07
N ALA B 300 -21.41 15.70 -33.82
CA ALA B 300 -22.40 14.79 -33.28
C ALA B 300 -22.70 15.15 -31.83
N LYS B 301 -23.92 14.83 -31.40
CA LYS B 301 -24.37 15.06 -30.04
C LYS B 301 -25.55 14.13 -29.77
N PRO B 302 -25.89 13.90 -28.51
CA PRO B 302 -27.06 13.05 -28.20
C PRO B 302 -28.33 13.65 -28.78
N HIS B 303 -29.08 12.83 -29.50
CA HIS B 303 -30.32 13.28 -30.11
C HIS B 303 -31.46 13.30 -29.09
N ALA B 304 -32.47 14.10 -29.38
CA ALA B 304 -33.63 14.22 -28.51
C ALA B 304 -34.57 13.04 -28.69
N THR C 15 16.85 14.48 -28.37
CA THR C 15 15.78 15.26 -27.77
C THR C 15 16.12 16.74 -27.79
N SER C 16 17.31 17.06 -28.32
CA SER C 16 17.78 18.43 -28.42
C SER C 16 17.79 18.97 -29.84
N SER C 17 17.41 18.14 -30.83
CA SER C 17 17.31 18.56 -32.22
C SER C 17 15.92 18.25 -32.76
N LEU C 18 14.89 18.52 -31.95
CA LEU C 18 13.53 18.21 -32.34
C LEU C 18 13.00 19.13 -33.44
N MSE C 19 13.63 20.29 -33.63
CA MSE C 19 13.15 21.25 -34.61
C MSE C 19 13.22 20.69 -36.03
O MSE C 19 12.28 20.85 -36.81
CB MSE C 19 13.95 22.55 -34.51
CG MSE C 19 13.48 23.63 -35.47
SE MSE C 19 11.56 23.96 -35.34
CE MSE C 19 11.49 24.69 -33.54
N GLU C 20 14.34 20.05 -36.37
CA GLU C 20 14.47 19.46 -37.70
C GLU C 20 13.48 18.33 -37.90
N GLN C 21 13.09 17.63 -36.84
CA GLN C 21 12.03 16.64 -36.95
C GLN C 21 10.68 17.30 -37.21
N ILE C 22 10.44 18.46 -36.59
CA ILE C 22 9.20 19.20 -36.83
C ILE C 22 9.18 19.74 -38.25
N LEU C 23 10.31 20.24 -38.73
CA LEU C 23 10.41 20.83 -40.06
C LEU C 23 10.73 19.80 -41.14
N SER C 24 10.74 18.51 -40.80
CA SER C 24 11.01 17.49 -41.80
C SER C 24 9.91 17.48 -42.85
N ASN C 25 10.27 17.06 -44.07
CA ASN C 25 9.34 17.14 -45.19
C ASN C 25 8.13 16.25 -44.99
N ASP C 26 8.30 15.10 -44.33
CA ASP C 26 7.18 14.18 -44.15
C ASP C 26 6.28 14.61 -42.99
N ASN C 27 6.88 15.17 -41.93
CA ASN C 27 6.07 15.63 -40.80
C ASN C 27 5.25 16.86 -41.17
N LEU C 28 5.83 17.76 -41.98
CA LEU C 28 5.09 18.93 -42.42
C LEU C 28 3.96 18.56 -43.38
N ASN C 29 4.15 17.52 -44.18
CA ASN C 29 3.10 17.10 -45.10
C ASN C 29 1.94 16.45 -44.38
N ARG C 30 2.23 15.70 -43.30
CA ARG C 30 1.14 15.14 -42.50
C ARG C 30 0.39 16.22 -41.75
N ALA C 31 1.10 17.24 -41.28
CA ALA C 31 0.43 18.35 -40.59
C ALA C 31 -0.45 19.14 -41.54
N TYR C 32 0.04 19.41 -42.75
CA TYR C 32 -0.77 20.16 -43.73
C TYR C 32 -2.04 19.40 -44.08
N LEU C 33 -1.91 18.10 -44.35
CA LEU C 33 -3.08 17.29 -44.70
C LEU C 33 -4.08 17.25 -43.55
N GLN C 34 -3.58 17.12 -42.31
CA GLN C 34 -4.47 17.03 -41.16
C GLN C 34 -5.20 18.34 -40.91
N VAL C 35 -4.54 19.48 -41.15
CA VAL C 35 -5.17 20.78 -40.90
C VAL C 35 -6.26 21.05 -41.94
N VAL C 36 -6.01 20.67 -43.21
CA VAL C 36 -7.04 20.79 -44.22
C VAL C 36 -8.19 19.83 -43.93
N ARG C 37 -7.88 18.65 -43.40
CA ARG C 37 -8.91 17.69 -43.04
C ARG C 37 -9.75 18.19 -41.87
N ASN C 38 -9.13 18.89 -40.92
CA ASN C 38 -9.86 19.44 -39.79
C ASN C 38 -10.74 20.63 -40.19
N LYS C 39 -10.46 21.25 -41.34
CA LYS C 39 -11.24 22.39 -41.85
C LYS C 39 -11.18 23.50 -40.79
N GLY C 40 -12.31 24.07 -40.38
CA GLY C 40 -12.32 25.10 -39.36
C GLY C 40 -12.53 26.49 -39.94
N ALA C 41 -12.68 27.45 -39.03
CA ALA C 41 -12.90 28.83 -39.42
C ALA C 41 -11.59 29.52 -39.78
N GLU C 42 -11.71 30.75 -40.26
CA GLU C 42 -10.56 31.53 -40.71
C GLU C 42 -9.95 32.29 -39.54
N GLY C 43 -8.64 32.53 -39.63
CA GLY C 43 -7.94 33.33 -38.64
C GLY C 43 -8.08 34.81 -38.92
N VAL C 44 -7.22 35.60 -38.27
CA VAL C 44 -7.27 37.04 -38.44
C VAL C 44 -6.86 37.47 -39.85
N ASP C 45 -6.13 36.64 -40.56
CA ASP C 45 -5.70 36.97 -41.92
C ASP C 45 -6.74 36.62 -42.97
N GLY C 46 -7.91 36.12 -42.56
CA GLY C 46 -8.98 35.84 -43.49
C GLY C 46 -8.73 34.68 -44.42
N MSE C 47 -7.71 33.86 -44.19
CA MSE C 47 -7.40 32.74 -45.08
C MSE C 47 -8.20 31.50 -44.71
O MSE C 47 -8.29 31.13 -43.55
CB MSE C 47 -5.91 32.43 -45.04
CG MSE C 47 -5.49 31.40 -46.07
SE MSE C 47 -3.59 30.94 -45.97
CE MSE C 47 -2.83 32.73 -46.06
N LYS C 48 -8.78 30.86 -45.73
CA LYS C 48 -9.51 29.62 -45.55
C LYS C 48 -8.58 28.42 -45.64
N TYR C 49 -9.07 27.28 -45.16
CA TYR C 49 -8.27 26.05 -45.22
C TYR C 49 -8.07 25.58 -46.65
N THR C 50 -8.96 25.96 -47.57
CA THR C 50 -8.81 25.58 -48.97
C THR C 50 -7.70 26.34 -49.68
N GLU C 51 -7.16 27.38 -49.05
CA GLU C 51 -6.09 28.19 -49.63
C GLU C 51 -4.74 27.91 -48.99
N LEU C 52 -4.68 27.00 -48.01
CA LEU C 52 -3.42 26.71 -47.34
C LEU C 52 -2.42 26.04 -48.27
N LYS C 53 -2.89 25.10 -49.10
CA LYS C 53 -1.99 24.41 -50.02
C LYS C 53 -1.34 25.39 -50.98
N GLU C 54 -2.13 26.31 -51.55
CA GLU C 54 -1.59 27.32 -52.45
C GLU C 54 -0.60 28.22 -51.72
N TYR C 55 -0.91 28.58 -50.47
CA TYR C 55 -0.03 29.45 -49.71
C TYR C 55 1.28 28.75 -49.36
N LEU C 56 1.19 27.51 -48.90
CA LEU C 56 2.40 26.77 -48.54
C LEU C 56 3.22 26.39 -49.78
N ALA C 57 2.57 26.25 -50.94
CA ALA C 57 3.32 25.91 -52.15
C ALA C 57 4.25 27.05 -52.55
N LYS C 58 3.94 28.28 -52.15
CA LYS C 58 4.74 29.44 -52.49
C LYS C 58 5.63 29.90 -51.35
N ASN C 59 5.15 29.85 -50.10
CA ASN C 59 5.90 30.32 -48.94
C ASN C 59 6.37 29.19 -48.04
N GLY C 60 6.48 27.98 -48.56
CA GLY C 60 6.87 26.83 -47.76
C GLY C 60 8.24 26.94 -47.13
N GLU C 61 9.28 27.03 -47.97
CA GLU C 61 10.63 27.11 -47.47
C GLU C 61 10.90 28.42 -46.72
N ILE C 62 10.12 29.46 -46.99
CA ILE C 62 10.32 30.73 -46.28
C ILE C 62 9.91 30.59 -44.82
N ILE C 63 8.72 30.03 -44.58
CA ILE C 63 8.26 29.82 -43.21
C ILE C 63 9.18 28.83 -42.49
N LYS C 64 9.64 27.81 -43.21
CA LYS C 64 10.50 26.79 -42.60
C LYS C 64 11.81 27.40 -42.09
N GLU C 65 12.37 28.36 -42.84
CA GLU C 65 13.62 28.97 -42.43
C GLU C 65 13.43 29.98 -41.30
N GLN C 66 12.29 30.67 -41.26
CA GLN C 66 12.02 31.58 -40.15
C GLN C 66 11.89 30.82 -38.84
N LEU C 67 11.25 29.64 -38.88
CA LEU C 67 11.12 28.82 -37.68
C LEU C 67 12.47 28.30 -37.21
N ARG C 68 13.41 28.07 -38.14
CA ARG C 68 14.71 27.52 -37.76
C ARG C 68 15.53 28.53 -36.96
N ILE C 69 15.43 29.81 -37.29
CA ILE C 69 16.20 30.85 -36.63
C ILE C 69 15.30 31.69 -35.70
N ARG C 70 14.17 31.14 -35.28
CA ARG C 70 13.27 31.79 -34.31
C ARG C 70 12.78 33.14 -34.80
N LYS C 71 12.61 33.28 -36.12
CA LYS C 71 12.16 34.54 -36.70
C LYS C 71 10.71 34.51 -37.18
N TYR C 72 10.03 33.38 -37.06
CA TYR C 72 8.63 33.33 -37.45
C TYR C 72 7.77 34.02 -36.40
N LYS C 73 6.89 34.90 -36.87
CA LYS C 73 6.00 35.66 -35.98
C LYS C 73 4.58 35.14 -36.12
N PRO C 74 4.10 34.32 -35.19
CA PRO C 74 2.71 33.85 -35.28
C PRO C 74 1.73 34.99 -35.06
N GLN C 75 0.61 34.91 -35.77
CA GLN C 75 -0.42 35.93 -35.65
C GLN C 75 -1.31 35.63 -34.44
N PRO C 76 -1.95 36.66 -33.87
CA PRO C 76 -2.89 36.42 -32.77
C PRO C 76 -4.09 35.62 -33.25
N VAL C 77 -4.71 34.94 -32.30
CA VAL C 77 -5.91 34.16 -32.60
C VAL C 77 -7.10 35.09 -32.79
N ARG C 78 -8.06 34.66 -33.60
CA ARG C 78 -9.28 35.42 -33.82
C ARG C 78 -10.33 35.01 -32.81
N ARG C 79 -10.71 35.94 -31.93
CA ARG C 79 -11.70 35.67 -30.89
C ARG C 79 -13.08 35.64 -31.53
N VAL C 80 -13.59 34.43 -31.78
CA VAL C 80 -14.93 34.27 -32.35
C VAL C 80 -15.90 33.99 -31.21
N GLU C 81 -17.17 34.33 -31.45
CA GLU C 81 -18.21 34.24 -30.43
C GLU C 81 -19.36 33.43 -31.00
N ILE C 82 -19.63 32.28 -30.40
CA ILE C 82 -20.68 31.37 -30.86
C ILE C 82 -21.89 31.53 -29.94
N PRO C 83 -23.11 31.66 -30.47
CA PRO C 83 -24.35 31.78 -29.70
C PRO C 83 -24.58 30.60 -28.77
N ARG C 90 -20.63 30.59 -26.52
CA ARG C 90 -19.26 30.40 -26.05
C ARG C 90 -18.27 31.09 -26.97
N ASN C 91 -17.05 31.29 -26.49
CA ASN C 91 -15.99 31.95 -27.25
C ASN C 91 -14.90 30.96 -27.61
N LEU C 92 -14.26 31.21 -28.76
CA LEU C 92 -13.17 30.39 -29.24
C LEU C 92 -12.08 31.27 -29.82
N GLY C 93 -10.83 30.89 -29.55
CA GLY C 93 -9.69 31.56 -30.16
C GLY C 93 -9.20 30.78 -31.35
N VAL C 94 -9.52 31.26 -32.56
CA VAL C 94 -9.22 30.53 -33.79
C VAL C 94 -7.86 31.01 -34.30
N PRO C 95 -6.83 30.17 -34.30
CA PRO C 95 -5.55 30.57 -34.88
C PRO C 95 -5.62 30.62 -36.39
N THR C 96 -4.73 31.43 -36.97
CA THR C 96 -4.54 31.46 -38.41
C THR C 96 -4.25 30.06 -38.94
N VAL C 97 -4.80 29.74 -40.11
CA VAL C 97 -4.67 28.39 -40.64
C VAL C 97 -3.21 28.04 -40.91
N THR C 98 -2.37 29.05 -41.19
CA THR C 98 -0.93 28.80 -41.25
C THR C 98 -0.40 28.42 -39.87
N ASP C 99 -0.87 29.08 -38.82
CA ASP C 99 -0.45 28.74 -37.47
C ASP C 99 -1.00 27.38 -37.05
N ARG C 100 -2.24 27.07 -37.44
CA ARG C 100 -2.77 25.74 -37.18
C ARG C 100 -1.92 24.66 -37.85
N PHE C 101 -1.37 24.96 -39.03
CA PHE C 101 -0.49 24.02 -39.70
C PHE C 101 0.81 23.84 -38.93
N ILE C 102 1.36 24.93 -38.39
CA ILE C 102 2.61 24.84 -37.65
C ILE C 102 2.38 24.21 -36.28
N GLN C 103 1.29 24.59 -35.61
CA GLN C 103 0.97 23.97 -34.32
C GLN C 103 0.79 22.47 -34.46
N GLN C 104 0.12 22.02 -35.52
CA GLN C 104 -0.07 20.59 -35.74
C GLN C 104 1.27 19.89 -35.96
N ALA C 105 2.21 20.56 -36.63
CA ALA C 105 3.51 19.96 -36.88
C ALA C 105 4.29 19.79 -35.58
N ILE C 106 4.26 20.80 -34.70
CA ILE C 106 4.93 20.69 -33.42
C ILE C 106 4.30 19.58 -32.58
N ALA C 107 2.97 19.52 -32.56
CA ALA C 107 2.29 18.53 -31.72
C ALA C 107 2.58 17.11 -32.17
N GLN C 108 2.75 16.88 -33.47
CA GLN C 108 3.01 15.54 -33.97
C GLN C 108 4.34 14.98 -33.50
N VAL C 109 5.28 15.85 -33.10
CA VAL C 109 6.59 15.42 -32.63
C VAL C 109 6.58 15.36 -31.11
N LEU C 110 5.83 16.27 -30.48
CA LEU C 110 5.77 16.33 -29.02
C LEU C 110 4.79 15.32 -28.42
N THR C 111 3.77 14.90 -29.18
CA THR C 111 2.81 13.94 -28.64
C THR C 111 3.43 12.60 -28.30
N PRO C 112 4.22 11.95 -29.18
CA PRO C 112 4.82 10.66 -28.79
C PRO C 112 5.75 10.77 -27.61
N ILE C 113 6.36 11.94 -27.39
CA ILE C 113 7.29 12.09 -26.27
C ILE C 113 6.54 12.10 -24.95
N TYR C 114 5.45 12.88 -24.86
CA TYR C 114 4.72 12.99 -23.61
C TYR C 114 3.70 11.88 -23.40
N GLU C 115 3.40 11.09 -24.43
CA GLU C 115 2.51 9.95 -24.23
C GLU C 115 3.13 8.92 -23.28
N GLU C 116 4.46 8.85 -23.25
CA GLU C 116 5.16 7.94 -22.34
C GLU C 116 5.15 8.41 -20.90
N GLN C 117 4.77 9.67 -20.65
CA GLN C 117 4.70 10.20 -19.29
C GLN C 117 3.29 10.30 -18.75
N PHE C 118 2.28 10.37 -19.62
CA PHE C 118 0.93 10.72 -19.19
C PHE C 118 0.29 9.57 -18.41
N HIS C 119 -0.61 9.95 -17.50
CA HIS C 119 -1.29 8.98 -16.66
C HIS C 119 -2.34 8.22 -17.47
N ASP C 120 -2.52 6.95 -17.10
CA ASP C 120 -3.45 6.08 -17.83
C ASP C 120 -4.89 6.54 -17.70
N HIS C 121 -5.21 7.35 -16.69
CA HIS C 121 -6.56 7.83 -16.47
C HIS C 121 -6.76 9.26 -16.98
N SER C 122 -5.88 9.73 -17.86
CA SER C 122 -6.06 10.99 -18.56
C SER C 122 -6.53 10.68 -19.98
N TYR C 123 -7.69 11.21 -20.36
CA TYR C 123 -8.33 10.85 -21.62
C TYR C 123 -8.59 12.03 -22.55
N GLY C 124 -8.26 13.25 -22.14
CA GLY C 124 -8.60 14.42 -22.94
C GLY C 124 -7.59 14.73 -24.03
N PHE C 125 -8.05 14.72 -25.28
CA PHE C 125 -7.25 15.10 -26.44
C PHE C 125 -5.96 14.28 -26.53
N ARG C 126 -6.13 12.97 -26.54
CA ARG C 126 -5.01 12.04 -26.65
C ARG C 126 -5.29 11.02 -27.75
N PRO C 127 -4.24 10.44 -28.32
CA PRO C 127 -4.45 9.41 -29.36
C PRO C 127 -5.24 8.22 -28.82
N ASN C 128 -6.26 7.83 -29.59
CA ASN C 128 -7.05 6.63 -29.31
C ASN C 128 -7.76 6.70 -27.96
N ARG C 129 -8.05 7.90 -27.49
CA ARG C 129 -8.77 8.10 -26.23
C ARG C 129 -9.93 9.05 -26.45
N CYS C 130 -10.97 8.89 -25.64
CA CYS C 130 -12.17 9.69 -25.79
C CYS C 130 -12.86 9.84 -24.44
N ALA C 131 -13.85 10.72 -24.40
CA ALA C 131 -14.54 11.03 -23.15
C ALA C 131 -15.29 9.83 -22.59
N GLN C 132 -15.74 8.93 -23.46
CA GLN C 132 -16.53 7.79 -23.00
C GLN C 132 -15.69 6.81 -22.18
N GLN C 133 -14.41 6.68 -22.51
CA GLN C 133 -13.53 5.82 -21.71
C GLN C 133 -13.35 6.36 -20.31
N ALA C 134 -13.26 7.69 -20.16
CA ALA C 134 -13.18 8.29 -18.85
C ALA C 134 -14.43 7.98 -18.03
N ILE C 135 -15.60 8.01 -18.66
CA ILE C 135 -16.84 7.68 -17.97
C ILE C 135 -16.81 6.22 -17.52
N LEU C 136 -16.38 5.32 -18.42
CA LEU C 136 -16.33 3.91 -18.08
C LEU C 136 -15.39 3.65 -16.90
N THR C 137 -14.21 4.27 -16.92
CA THR C 137 -13.28 4.12 -15.80
C THR C 137 -13.86 4.66 -14.51
N ALA C 138 -14.53 5.82 -14.58
CA ALA C 138 -15.12 6.41 -13.39
C ALA C 138 -16.26 5.53 -12.86
N LEU C 139 -17.02 4.90 -13.75
CA LEU C 139 -18.10 4.01 -13.32
C LEU C 139 -17.56 2.79 -12.59
N ASP C 140 -16.46 2.23 -13.08
CA ASP C 140 -15.88 1.05 -12.43
C ASP C 140 -15.40 1.38 -11.02
N MSE C 141 -14.90 2.59 -10.82
CA MSE C 141 -14.45 3.04 -9.50
C MSE C 141 -15.64 3.27 -8.56
O MSE C 141 -15.60 2.88 -7.39
CB MSE C 141 -13.62 4.31 -9.62
CG MSE C 141 -12.31 4.11 -10.34
SE MSE C 141 -11.49 5.80 -10.87
CE MSE C 141 -9.78 5.11 -11.52
N MSE C 142 -16.70 3.87 -9.09
CA MSE C 142 -17.92 4.10 -8.31
C MSE C 142 -18.52 2.80 -7.83
O MSE C 142 -18.87 2.66 -6.65
CB MSE C 142 -18.95 4.86 -9.15
CG MSE C 142 -18.58 6.30 -9.48
SE MSE C 142 -19.85 7.10 -10.72
CE MSE C 142 -18.98 8.83 -10.96
N ASN C 143 -18.64 1.83 -8.74
CA ASN C 143 -19.21 0.53 -8.40
C ASN C 143 -18.30 -0.29 -7.51
N ASP C 144 -17.07 0.16 -7.27
CA ASP C 144 -16.15 -0.48 -6.35
C ASP C 144 -16.32 0.03 -4.92
N GLY C 145 -17.30 0.90 -4.68
CA GLY C 145 -17.57 1.45 -3.37
C GLY C 145 -17.24 2.92 -3.23
N ASN C 146 -16.36 3.45 -4.07
CA ASN C 146 -15.95 4.85 -4.00
C ASN C 146 -16.97 5.71 -4.75
N ASP C 147 -18.13 5.89 -4.12
CA ASP C 147 -19.24 6.62 -4.73
C ASP C 147 -19.42 8.01 -4.13
N TRP C 148 -18.38 8.57 -3.52
CA TRP C 148 -18.35 9.98 -3.13
C TRP C 148 -17.41 10.70 -4.08
N ILE C 149 -17.95 11.58 -4.90
CA ILE C 149 -17.23 12.17 -6.02
C ILE C 149 -16.80 13.58 -5.66
N VAL C 150 -15.51 13.87 -5.88
CA VAL C 150 -14.97 15.22 -5.74
C VAL C 150 -14.85 15.79 -7.15
N ASP C 151 -15.74 16.72 -7.49
CA ASP C 151 -15.73 17.36 -8.81
C ASP C 151 -14.88 18.62 -8.71
N ILE C 152 -13.65 18.53 -9.17
CA ILE C 152 -12.73 19.67 -9.17
C ILE C 152 -12.95 20.48 -10.43
N ASP C 153 -13.42 21.72 -10.27
CA ASP C 153 -13.65 22.63 -11.39
C ASP C 153 -12.57 23.70 -11.38
N LEU C 154 -11.83 23.78 -12.47
CA LEU C 154 -10.76 24.75 -12.61
C LEU C 154 -11.20 25.90 -13.51
N GLU C 155 -10.68 27.09 -13.23
CA GLU C 155 -10.87 28.22 -14.13
C GLU C 155 -10.24 27.90 -15.48
N LYS C 156 -10.71 28.62 -16.52
CA LYS C 156 -10.21 28.42 -17.88
C LYS C 156 -8.69 28.38 -17.89
N PHE C 157 -8.14 27.28 -18.41
CA PHE C 157 -6.72 26.99 -18.25
C PHE C 157 -5.84 28.10 -18.80
N PHE C 158 -5.98 28.40 -20.09
CA PHE C 158 -5.12 29.40 -20.72
C PHE C 158 -5.48 30.82 -20.34
N ASP C 159 -6.52 31.01 -19.53
CA ASP C 159 -6.84 32.31 -18.95
C ASP C 159 -6.25 32.49 -17.55
N THR C 160 -5.51 31.49 -17.05
CA THR C 160 -4.94 31.57 -15.71
C THR C 160 -3.57 30.91 -15.59
N VAL C 161 -3.07 30.26 -16.64
CA VAL C 161 -1.81 29.54 -16.57
C VAL C 161 -0.65 30.54 -16.59
N ASN C 162 0.35 30.29 -15.74
CA ASN C 162 1.58 31.07 -15.76
C ASN C 162 2.48 30.54 -16.86
N HIS C 163 2.80 31.40 -17.83
CA HIS C 163 3.58 30.96 -18.99
C HIS C 163 4.97 30.47 -18.58
N ASP C 164 5.60 31.15 -17.63
CA ASP C 164 6.93 30.74 -17.21
C ASP C 164 6.89 29.41 -16.48
N LYS C 165 5.93 29.22 -15.57
CA LYS C 165 5.79 27.94 -14.90
C LYS C 165 5.50 26.82 -15.88
N LEU C 166 4.76 27.11 -16.96
CA LEU C 166 4.46 26.08 -17.94
C LEU C 166 5.69 25.71 -18.75
N MSE C 167 6.44 26.70 -19.24
CA MSE C 167 7.63 26.45 -20.03
C MSE C 167 8.71 25.76 -19.20
O MSE C 167 9.48 24.94 -19.71
CB MSE C 167 8.18 27.75 -20.62
CG MSE C 167 7.21 28.47 -21.54
SE MSE C 167 6.39 27.32 -22.88
CE MSE C 167 8.01 26.61 -23.71
N THR C 168 8.77 26.09 -17.91
CA THR C 168 9.71 25.42 -17.02
C THR C 168 9.44 23.93 -16.95
N ILE C 169 8.17 23.54 -16.85
CA ILE C 169 7.82 22.12 -16.83
C ILE C 169 8.16 21.47 -18.16
N ILE C 170 7.84 22.14 -19.27
CA ILE C 170 8.18 21.61 -20.58
C ILE C 170 9.69 21.51 -20.75
N GLY C 171 10.44 22.43 -20.14
CA GLY C 171 11.89 22.42 -20.23
C GLY C 171 12.53 21.20 -19.58
N ARG C 172 11.83 20.56 -18.63
CA ARG C 172 12.37 19.34 -18.03
C ARG C 172 12.55 18.24 -19.06
N THR C 173 11.70 18.19 -20.07
CA THR C 173 11.74 17.16 -21.11
C THR C 173 12.33 17.70 -22.42
N ILE C 174 11.86 18.85 -22.87
CA ILE C 174 12.28 19.41 -24.14
C ILE C 174 13.49 20.30 -23.91
N LYS C 175 14.61 19.97 -24.57
CA LYS C 175 15.84 20.74 -24.45
C LYS C 175 16.15 21.60 -25.66
N ASP C 176 15.45 21.40 -26.77
CA ASP C 176 15.67 22.22 -27.96
C ASP C 176 15.18 23.63 -27.71
N GLY C 177 16.12 24.59 -27.72
CA GLY C 177 15.74 25.98 -27.51
C GLY C 177 14.83 26.54 -28.58
N ASP C 178 14.99 26.06 -29.82
CA ASP C 178 14.13 26.51 -30.90
C ASP C 178 12.68 26.07 -30.67
N VAL C 179 12.48 24.88 -30.10
CA VAL C 179 11.12 24.42 -29.82
C VAL C 179 10.55 25.15 -28.62
N ILE C 180 11.39 25.40 -27.60
CA ILE C 180 10.94 26.15 -26.44
C ILE C 180 10.46 27.54 -26.84
N SER C 181 11.16 28.17 -27.78
CA SER C 181 10.81 29.53 -28.18
C SER C 181 9.48 29.55 -28.94
N ILE C 182 9.32 28.68 -29.93
CA ILE C 182 8.13 28.74 -30.77
C ILE C 182 6.89 28.30 -30.00
N VAL C 183 7.04 27.38 -29.04
CA VAL C 183 5.90 26.96 -28.24
C VAL C 183 5.45 28.10 -27.34
N ARG C 184 6.39 28.80 -26.72
CA ARG C 184 6.05 29.96 -25.90
C ARG C 184 5.35 31.03 -26.73
N LYS C 185 5.80 31.24 -27.97
CA LYS C 185 5.18 32.22 -28.84
C LYS C 185 3.70 31.91 -29.07
N TYR C 186 3.39 30.63 -29.28
CA TYR C 186 1.99 30.25 -29.48
C TYR C 186 1.17 30.37 -28.20
N LEU C 187 1.81 30.28 -27.03
CA LEU C 187 1.12 30.62 -25.80
C LEU C 187 0.72 32.09 -25.78
N VAL C 188 1.60 32.96 -26.28
CA VAL C 188 1.31 34.39 -26.29
C VAL C 188 0.21 34.72 -27.29
N SER C 189 0.16 34.02 -28.42
CA SER C 189 -0.85 34.29 -29.44
C SER C 189 -2.27 34.05 -28.94
N GLY C 190 -2.44 33.35 -27.82
CA GLY C 190 -3.74 33.16 -27.23
C GLY C 190 -4.43 31.85 -27.53
N ILE C 191 -3.66 30.78 -27.78
CA ILE C 191 -4.27 29.48 -28.06
C ILE C 191 -5.03 28.98 -26.85
N MSE C 192 -6.18 28.36 -27.09
CA MSE C 192 -7.05 27.89 -26.02
C MSE C 192 -7.69 26.56 -26.39
O MSE C 192 -7.42 26.02 -27.47
CB MSE C 192 -8.11 28.93 -25.69
CG MSE C 192 -8.82 29.50 -26.91
SE MSE C 192 -10.22 28.34 -27.61
CE MSE C 192 -11.58 28.61 -26.24
N ILE C 193 -8.55 26.04 -25.52
CA ILE C 193 -9.14 24.72 -25.68
C ILE C 193 -10.62 24.87 -26.01
N ASP C 194 -11.04 24.23 -27.10
CA ASP C 194 -12.45 24.14 -27.45
C ASP C 194 -13.14 23.20 -26.46
N ASP C 195 -14.00 23.75 -25.60
CA ASP C 195 -14.60 23.00 -24.51
C ASP C 195 -16.00 22.50 -24.85
N GLU C 196 -16.30 22.28 -26.14
CA GLU C 196 -17.62 21.79 -26.51
C GLU C 196 -17.88 20.37 -26.03
N TYR C 197 -16.86 19.66 -25.54
CA TYR C 197 -17.07 18.34 -24.97
C TYR C 197 -17.94 18.38 -23.71
N GLU C 198 -18.02 19.55 -23.06
CA GLU C 198 -18.86 19.67 -21.88
C GLU C 198 -20.34 19.46 -22.20
N ASP C 199 -20.75 19.68 -23.45
CA ASP C 199 -22.11 19.44 -23.90
C ASP C 199 -22.25 18.11 -24.64
N SER C 200 -21.33 17.17 -24.41
CA SER C 200 -21.32 15.85 -25.05
C SER C 200 -21.16 15.95 -26.57
N ILE C 201 -20.58 17.04 -27.06
CA ILE C 201 -20.37 17.20 -28.49
C ILE C 201 -19.13 16.43 -28.91
N VAL C 202 -19.28 15.57 -29.92
CA VAL C 202 -18.19 14.78 -30.47
C VAL C 202 -17.84 15.36 -31.83
N GLY C 203 -16.55 15.62 -32.04
CA GLY C 203 -16.10 16.18 -33.29
C GLY C 203 -14.76 16.87 -33.13
N THR C 204 -14.24 17.32 -34.26
CA THR C 204 -12.93 17.97 -34.28
C THR C 204 -12.99 19.33 -33.61
N PRO C 205 -12.18 19.60 -32.60
CA PRO C 205 -12.18 20.93 -31.99
C PRO C 205 -11.49 21.95 -32.89
N GLN C 206 -11.91 23.20 -32.76
CA GLN C 206 -11.33 24.29 -33.53
C GLN C 206 -10.12 24.86 -32.80
N GLY C 207 -9.01 25.01 -33.53
CA GLY C 207 -7.82 25.61 -32.96
C GLY C 207 -7.21 24.84 -31.81
N GLY C 208 -7.32 23.53 -31.81
CA GLY C 208 -6.76 22.72 -30.74
C GLY C 208 -5.62 21.84 -31.21
N ASN C 209 -4.80 22.35 -32.13
CA ASN C 209 -3.69 21.56 -32.62
C ASN C 209 -2.60 21.41 -31.57
N LEU C 210 -2.35 22.46 -30.79
CA LEU C 210 -1.27 22.48 -29.82
C LEU C 210 -1.75 22.67 -28.39
N SER C 211 -2.72 23.56 -28.17
CA SER C 211 -3.10 23.93 -26.80
C SER C 211 -3.55 22.77 -25.92
N PRO C 212 -4.33 21.79 -26.40
CA PRO C 212 -4.70 20.67 -25.51
C PRO C 212 -3.50 19.89 -25.01
N LEU C 213 -2.49 19.67 -25.86
CA LEU C 213 -1.28 18.99 -25.42
C LEU C 213 -0.55 19.79 -24.35
N LEU C 214 -0.45 21.10 -24.54
CA LEU C 214 0.21 21.94 -23.54
C LEU C 214 -0.52 21.89 -22.21
N ALA C 215 -1.86 21.86 -22.25
CA ALA C 215 -2.62 21.75 -21.01
C ALA C 215 -2.38 20.41 -20.33
N ASN C 216 -2.31 19.33 -21.12
CA ASN C 216 -2.04 18.01 -20.55
C ASN C 216 -0.64 17.95 -19.92
N ILE C 217 0.32 18.65 -20.51
CA ILE C 217 1.66 18.68 -19.94
C ILE C 217 1.64 19.32 -18.56
N MSE C 218 0.94 20.43 -18.43
CA MSE C 218 0.81 21.13 -17.14
C MSE C 218 0.00 20.30 -16.15
O MSE C 218 0.44 20.05 -15.03
CB MSE C 218 0.16 22.49 -17.33
CG MSE C 218 -0.27 23.15 -16.04
SE MSE C 218 1.21 23.77 -14.93
CE MSE C 218 1.61 25.43 -15.85
N LEU C 219 -1.19 19.86 -16.58
CA LEU C 219 -2.07 19.11 -15.70
C LEU C 219 -1.58 17.69 -15.45
N ASN C 220 -0.56 17.23 -16.17
CA ASN C 220 0.07 15.96 -15.83
C ASN C 220 0.73 16.03 -14.45
N GLU C 221 1.19 17.22 -14.05
CA GLU C 221 1.71 17.39 -12.70
C GLU C 221 0.64 17.16 -11.65
N LEU C 222 -0.62 17.50 -11.97
CA LEU C 222 -1.71 17.18 -11.07
C LEU C 222 -1.99 15.69 -11.05
N ASP C 223 -1.88 15.02 -12.20
CA ASP C 223 -2.11 13.58 -12.26
C ASP C 223 -1.08 12.83 -11.43
N LYS C 224 0.19 13.18 -11.56
CA LYS C 224 1.24 12.51 -10.79
C LYS C 224 1.04 12.69 -9.29
N GLU C 225 0.57 13.87 -8.89
CA GLU C 225 0.32 14.12 -7.46
C GLU C 225 -0.83 13.26 -6.96
N MSE C 226 -1.94 13.24 -7.69
CA MSE C 226 -3.08 12.40 -7.32
C MSE C 226 -2.71 10.92 -7.36
O MSE C 226 -3.22 10.12 -6.58
CB MSE C 226 -4.27 12.68 -8.25
CG MSE C 226 -4.85 14.07 -8.12
SE MSE C 226 -6.39 14.37 -9.27
CE MSE C 226 -5.51 14.22 -11.00
N GLU C 227 -1.80 10.58 -8.27
CA GLU C 227 -1.32 9.20 -8.35
C GLU C 227 -0.45 8.85 -7.14
N LYS C 228 0.34 9.82 -6.66
CA LYS C 228 1.16 9.57 -5.48
C LYS C 228 0.31 9.38 -4.24
N ARG C 229 -0.88 9.98 -4.19
CA ARG C 229 -1.76 9.88 -3.04
C ARG C 229 -2.73 8.70 -3.12
N GLY C 230 -2.55 7.82 -4.10
CA GLY C 230 -3.42 6.66 -4.23
C GLY C 230 -4.87 7.01 -4.52
N LEU C 231 -5.12 8.16 -5.14
CA LEU C 231 -6.47 8.60 -5.43
C LEU C 231 -7.02 7.92 -6.68
N ASN C 232 -8.32 7.68 -6.68
CA ASN C 232 -9.04 7.14 -7.84
C ASN C 232 -9.65 8.32 -8.59
N PHE C 233 -9.15 8.57 -9.80
CA PHE C 233 -9.55 9.75 -10.55
C PHE C 233 -9.57 9.45 -12.04
N VAL C 234 -10.28 10.30 -12.77
CA VAL C 234 -10.17 10.41 -14.22
C VAL C 234 -10.11 11.89 -14.56
N ARG C 235 -9.39 12.22 -15.63
CA ARG C 235 -9.27 13.61 -16.06
C ARG C 235 -9.45 13.70 -17.57
N TYR C 236 -10.21 14.70 -18.00
CA TYR C 236 -10.39 15.03 -19.42
C TYR C 236 -10.11 16.52 -19.55
N ALA C 237 -8.99 16.87 -20.19
CA ALA C 237 -8.52 18.24 -20.24
C ALA C 237 -8.42 18.81 -18.83
N ASP C 238 -9.16 19.88 -18.54
CA ASP C 238 -9.18 20.48 -17.22
C ASP C 238 -10.41 20.10 -16.40
N ASP C 239 -11.05 18.99 -16.73
CA ASP C 239 -12.21 18.48 -15.99
C ASP C 239 -11.84 17.14 -15.37
N CYS C 240 -11.85 17.10 -14.03
CA CYS C 240 -11.40 15.93 -13.28
C CYS C 240 -12.39 15.63 -12.17
N ILE C 241 -12.66 14.34 -11.97
CA ILE C 241 -13.48 13.88 -10.84
C ILE C 241 -12.70 12.79 -10.12
N ILE C 242 -12.86 12.77 -8.79
CA ILE C 242 -12.12 11.87 -7.92
C ILE C 242 -13.11 11.03 -7.13
N MSE C 243 -12.96 9.71 -7.20
CA MSE C 243 -13.85 8.77 -6.51
C MSE C 243 -13.26 8.32 -5.19
O MSE C 243 -12.20 7.69 -5.15
CB MSE C 243 -14.14 7.58 -7.41
CG MSE C 243 -15.29 7.77 -8.41
SE MSE C 243 -15.08 9.27 -9.63
CE MSE C 243 -13.37 8.80 -10.44
N VAL C 244 -13.97 8.62 -4.09
CA VAL C 244 -13.54 8.23 -2.75
C VAL C 244 -14.71 7.55 -2.05
N GLY C 245 -14.41 6.92 -0.92
CA GLY C 245 -15.34 6.05 -0.23
C GLY C 245 -16.15 6.64 0.91
N SER C 246 -15.93 7.91 1.25
CA SER C 246 -16.68 8.54 2.34
C SER C 246 -16.77 10.03 2.11
N GLU C 247 -17.77 10.65 2.72
CA GLU C 247 -17.96 12.10 2.57
C GLU C 247 -16.90 12.88 3.32
N MSE C 248 -16.54 12.44 4.53
CA MSE C 248 -15.51 13.10 5.31
C MSE C 248 -14.18 13.12 4.58
O MSE C 248 -13.53 14.17 4.47
CB MSE C 248 -15.36 12.42 6.67
CG MSE C 248 -14.03 12.72 7.36
SE MSE C 248 -14.02 12.20 9.24
CE MSE C 248 -15.13 13.62 9.96
N SER C 249 -13.77 11.95 4.06
CA SER C 249 -12.54 11.88 3.29
C SER C 249 -12.67 12.56 1.93
N ALA C 250 -13.90 12.77 1.45
CA ALA C 250 -14.08 13.48 0.19
C ALA C 250 -13.73 14.95 0.34
N ASN C 251 -14.25 15.60 1.38
CA ASN C 251 -13.99 17.02 1.59
C ASN C 251 -12.53 17.27 1.91
N ARG C 252 -11.86 16.32 2.57
CA ARG C 252 -10.42 16.46 2.82
C ARG C 252 -9.64 16.42 1.52
N VAL C 253 -9.92 15.44 0.67
CA VAL C 253 -9.30 15.39 -0.66
C VAL C 253 -9.67 16.64 -1.45
N MSE C 254 -10.92 17.09 -1.33
CA MSE C 254 -11.40 18.30 -1.96
C MSE C 254 -10.53 19.52 -1.60
O MSE C 254 -10.17 20.32 -2.47
CB MSE C 254 -12.85 18.55 -1.56
CG MSE C 254 -13.34 19.98 -1.77
SE MSE C 254 -14.20 20.24 -3.49
CE MSE C 254 -12.83 21.33 -4.35
N ARG C 255 -10.20 19.63 -0.32
CA ARG C 255 -9.43 20.78 0.15
C ARG C 255 -7.94 20.62 -0.15
N ASN C 256 -7.39 19.43 0.06
CA ASN C 256 -5.97 19.22 -0.18
C ASN C 256 -5.61 19.40 -1.65
N ILE C 257 -6.41 18.82 -2.55
CA ILE C 257 -6.14 18.97 -3.97
C ILE C 257 -6.28 20.43 -4.39
N SER C 258 -7.25 21.14 -3.81
CA SER C 258 -7.43 22.55 -4.14
C SER C 258 -6.19 23.37 -3.78
N ARG C 259 -5.58 23.07 -2.62
CA ARG C 259 -4.39 23.81 -2.22
C ARG C 259 -3.20 23.48 -3.13
N PHE C 260 -3.07 22.21 -3.52
CA PHE C 260 -1.94 21.83 -4.37
C PHE C 260 -2.04 22.50 -5.75
N ILE C 261 -3.25 22.65 -6.27
CA ILE C 261 -3.42 23.23 -7.60
C ILE C 261 -3.04 24.70 -7.59
N GLU C 262 -3.44 25.43 -6.54
CA GLU C 262 -3.17 26.85 -6.50
C GLU C 262 -1.74 27.16 -6.06
N GLU C 263 -1.24 26.46 -5.04
CA GLU C 263 0.05 26.76 -4.45
C GLU C 263 1.22 26.13 -5.20
N LYS C 264 1.02 24.94 -5.78
CA LYS C 264 2.11 24.25 -6.48
C LYS C 264 2.03 24.35 -7.99
N LEU C 265 0.83 24.52 -8.55
CA LEU C 265 0.67 24.62 -9.99
C LEU C 265 0.32 26.02 -10.47
N GLY C 266 -0.03 26.93 -9.57
CA GLY C 266 -0.38 28.29 -9.97
C GLY C 266 -1.70 28.43 -10.69
N LEU C 267 -2.53 27.39 -10.71
CA LEU C 267 -3.82 27.43 -11.36
C LEU C 267 -4.92 27.73 -10.35
N LYS C 268 -5.99 28.34 -10.79
CA LYS C 268 -7.08 28.66 -9.90
C LYS C 268 -8.27 27.72 -10.05
N VAL C 269 -8.87 27.33 -8.93
CA VAL C 269 -10.02 26.44 -8.96
C VAL C 269 -11.24 27.23 -8.59
N ASN C 270 -12.31 27.10 -9.34
CA ASN C 270 -13.53 27.81 -9.00
C ASN C 270 -13.97 27.29 -7.68
N MSE C 271 -13.54 27.93 -6.63
CA MSE C 271 -13.88 27.51 -5.32
C MSE C 271 -15.36 27.26 -5.15
O MSE C 271 -15.73 26.50 -4.25
CB MSE C 271 -13.40 28.66 -4.45
CG MSE C 271 -12.59 28.20 -3.25
SE MSE C 271 -11.00 27.12 -3.69
CE MSE C 271 -11.89 25.38 -3.47
N THR C 272 -16.22 27.86 -5.95
CA THR C 272 -17.65 27.63 -5.76
C THR C 272 -18.32 26.76 -6.79
N LYS C 273 -17.72 26.59 -7.98
CA LYS C 273 -18.32 25.76 -9.02
C LYS C 273 -18.07 24.27 -8.75
N SER C 274 -17.06 23.99 -7.96
CA SER C 274 -16.70 22.64 -7.54
C SER C 274 -17.54 22.24 -6.32
N LYS C 275 -17.65 20.93 -6.10
CA LYS C 275 -18.47 20.43 -5.02
C LYS C 275 -18.15 18.96 -4.74
N VAL C 276 -18.64 18.48 -3.60
CA VAL C 276 -18.63 17.07 -3.25
C VAL C 276 -20.07 16.59 -3.24
N ASP C 277 -20.34 15.53 -4.01
CA ASP C 277 -21.72 15.07 -4.17
C ASP C 277 -21.74 13.59 -4.52
N ARG C 278 -22.93 13.02 -4.47
CA ARG C 278 -23.19 11.66 -4.91
C ARG C 278 -23.17 11.60 -6.45
N PRO C 279 -23.07 10.39 -7.02
CA PRO C 279 -23.02 10.30 -8.50
C PRO C 279 -24.19 10.96 -9.20
N ARG C 280 -25.40 10.86 -8.64
CA ARG C 280 -26.58 11.41 -9.32
C ARG C 280 -26.53 12.93 -9.43
N GLY C 281 -25.75 13.59 -8.58
CA GLY C 281 -25.61 15.03 -8.63
C GLY C 281 -24.41 15.53 -9.41
N ILE C 282 -23.72 14.66 -10.13
CA ILE C 282 -22.51 15.01 -10.87
C ILE C 282 -22.84 15.05 -12.36
N LYS C 283 -22.38 16.10 -13.03
CA LYS C 283 -22.39 16.17 -14.49
C LYS C 283 -20.94 16.24 -14.95
N TYR C 284 -20.53 15.26 -15.75
CA TYR C 284 -19.14 15.13 -16.16
C TYR C 284 -19.07 14.83 -17.64
N LEU C 285 -18.46 15.75 -18.40
CA LEU C 285 -18.32 15.61 -19.85
C LEU C 285 -19.68 15.44 -20.52
N GLY C 286 -20.68 16.15 -20.01
CA GLY C 286 -22.02 16.11 -20.55
C GLY C 286 -22.85 14.91 -20.13
N PHE C 287 -22.32 14.05 -19.26
CA PHE C 287 -23.02 12.86 -18.81
C PHE C 287 -23.56 13.05 -17.40
N GLY C 288 -24.68 12.37 -17.14
CA GLY C 288 -25.20 12.22 -15.80
C GLY C 288 -25.00 10.79 -15.33
N PHE C 289 -25.27 10.58 -14.04
CA PHE C 289 -25.10 9.26 -13.43
C PHE C 289 -26.37 8.85 -12.71
N TYR C 290 -26.64 7.55 -12.74
CA TYR C 290 -27.82 6.98 -12.09
C TYR C 290 -27.51 5.56 -11.70
N TYR C 291 -28.28 5.05 -10.73
CA TYR C 291 -28.09 3.70 -10.22
C TYR C 291 -29.06 2.76 -10.92
N ASP C 292 -28.50 1.79 -11.66
CA ASP C 292 -29.29 0.75 -12.30
C ASP C 292 -29.61 -0.32 -11.25
N THR C 293 -30.86 -0.34 -10.79
CA THR C 293 -31.23 -1.25 -9.70
C THR C 293 -31.15 -2.71 -10.13
N SER C 294 -31.44 -3.00 -11.41
CA SER C 294 -31.39 -4.39 -11.87
C SER C 294 -29.94 -4.87 -11.96
N ALA C 295 -29.07 -4.09 -12.61
CA ALA C 295 -27.66 -4.44 -12.66
C ALA C 295 -26.97 -4.22 -11.33
N GLN C 296 -27.60 -3.46 -10.41
CA GLN C 296 -27.05 -3.17 -9.09
C GLN C 296 -25.71 -2.45 -9.18
N GLN C 297 -25.67 -1.41 -10.02
CA GLN C 297 -24.45 -0.64 -10.19
C GLN C 297 -24.78 0.67 -10.88
N PHE C 298 -23.89 1.65 -10.71
CA PHE C 298 -24.06 2.95 -11.33
C PHE C 298 -23.77 2.87 -12.82
N LYS C 299 -24.57 3.59 -13.61
CA LYS C 299 -24.36 3.73 -15.04
C LYS C 299 -24.47 5.21 -15.40
N ALA C 300 -24.20 5.53 -16.66
CA ALA C 300 -24.17 6.92 -17.11
C ALA C 300 -24.98 7.08 -18.39
N LYS C 301 -25.48 8.29 -18.58
CA LYS C 301 -26.23 8.67 -19.77
C LYS C 301 -26.13 10.17 -19.95
N PRO C 302 -26.39 10.69 -21.15
CA PRO C 302 -26.28 12.14 -21.35
C PRO C 302 -27.20 12.91 -20.42
N HIS C 303 -26.67 14.00 -19.87
CA HIS C 303 -27.44 14.86 -18.98
C HIS C 303 -28.51 15.61 -19.77
N ALA C 304 -29.55 16.02 -19.05
CA ALA C 304 -30.67 16.72 -19.66
C ALA C 304 -30.25 18.08 -20.23
N THR D 15 11.25 5.56 -3.24
CA THR D 15 10.06 4.80 -2.83
C THR D 15 8.94 4.96 -3.85
N SER D 16 9.26 4.75 -5.12
CA SER D 16 8.30 4.88 -6.22
C SER D 16 7.71 3.54 -6.64
N SER D 17 8.54 2.55 -6.90
CA SER D 17 8.08 1.21 -7.25
C SER D 17 8.15 0.27 -6.04
N LEU D 18 7.55 0.72 -4.92
CA LEU D 18 7.60 -0.04 -3.69
C LEU D 18 6.66 -1.25 -3.71
N MSE D 19 5.57 -1.17 -4.48
CA MSE D 19 4.60 -2.25 -4.54
C MSE D 19 5.20 -3.53 -5.12
O MSE D 19 4.88 -4.63 -4.65
CB MSE D 19 3.39 -1.81 -5.37
CG MSE D 19 2.34 -2.89 -5.58
SE MSE D 19 1.59 -3.59 -3.91
CE MSE D 19 0.78 -1.96 -3.22
N GLU D 20 6.07 -3.39 -6.11
CA GLU D 20 6.71 -4.57 -6.68
C GLU D 20 7.67 -5.21 -5.70
N GLN D 21 8.25 -4.43 -4.79
CA GLN D 21 9.07 -5.01 -3.74
C GLN D 21 8.23 -5.78 -2.73
N ILE D 22 6.99 -5.34 -2.49
CA ILE D 22 6.12 -6.03 -1.56
C ILE D 22 5.64 -7.35 -2.16
N LEU D 23 5.39 -7.37 -3.46
CA LEU D 23 4.85 -8.54 -4.13
C LEU D 23 5.92 -9.48 -4.66
N SER D 24 7.19 -9.26 -4.32
CA SER D 24 8.25 -10.14 -4.77
C SER D 24 8.10 -11.52 -4.15
N ASN D 25 8.70 -12.51 -4.81
CA ASN D 25 8.55 -13.90 -4.38
C ASN D 25 9.14 -14.11 -2.98
N ASP D 26 10.32 -13.55 -2.73
CA ASP D 26 10.98 -13.77 -1.44
C ASP D 26 10.25 -13.04 -0.32
N ASN D 27 9.78 -11.81 -0.57
CA ASN D 27 9.09 -11.07 0.47
C ASN D 27 7.76 -11.71 0.82
N LEU D 28 7.03 -12.20 -0.19
CA LEU D 28 5.76 -12.87 0.08
C LEU D 28 5.99 -14.20 0.80
N ASN D 29 7.04 -14.92 0.42
CA ASN D 29 7.34 -16.19 1.09
C ASN D 29 7.70 -15.97 2.56
N ARG D 30 8.50 -14.95 2.84
CA ARG D 30 8.85 -14.65 4.22
C ARG D 30 7.64 -14.16 5.01
N ALA D 31 6.77 -13.36 4.37
CA ALA D 31 5.56 -12.91 5.03
C ALA D 31 4.64 -14.08 5.37
N TYR D 32 4.51 -15.03 4.43
CA TYR D 32 3.68 -16.21 4.67
C TYR D 32 4.21 -17.04 5.84
N LEU D 33 5.54 -17.20 5.92
CA LEU D 33 6.12 -18.00 6.99
C LEU D 33 5.95 -17.31 8.34
N GLN D 34 6.10 -15.98 8.37
CA GLN D 34 5.96 -15.26 9.63
C GLN D 34 4.52 -15.29 10.13
N VAL D 35 3.56 -15.15 9.23
CA VAL D 35 2.15 -15.11 9.62
C VAL D 35 1.71 -16.48 10.13
N VAL D 36 2.17 -17.56 9.49
CA VAL D 36 1.88 -18.90 10.00
C VAL D 36 2.54 -19.10 11.36
N ARG D 37 3.79 -18.66 11.50
CA ARG D 37 4.49 -18.78 12.77
C ARG D 37 3.79 -17.98 13.87
N ASN D 38 3.18 -16.84 13.53
CA ASN D 38 2.46 -16.06 14.52
C ASN D 38 1.14 -16.70 14.93
N LYS D 39 0.64 -17.67 14.16
CA LYS D 39 -0.59 -18.41 14.46
C LYS D 39 -1.73 -17.39 14.58
N GLY D 40 -2.48 -17.38 15.67
CA GLY D 40 -3.55 -16.43 15.86
C GLY D 40 -4.91 -16.99 15.48
N ALA D 41 -5.95 -16.35 15.99
CA ALA D 41 -7.31 -16.76 15.70
C ALA D 41 -7.65 -16.46 14.24
N GLU D 42 -8.80 -17.00 13.80
CA GLU D 42 -9.26 -16.83 12.44
C GLU D 42 -10.07 -15.55 12.30
N GLY D 43 -10.16 -15.06 11.07
CA GLY D 43 -10.94 -13.87 10.75
C GLY D 43 -12.38 -14.20 10.45
N VAL D 44 -13.04 -13.27 9.75
CA VAL D 44 -14.45 -13.44 9.42
C VAL D 44 -14.69 -14.58 8.43
N ASP D 45 -13.67 -14.96 7.66
CA ASP D 45 -13.81 -16.04 6.69
C ASP D 45 -13.63 -17.42 7.31
N GLY D 46 -13.28 -17.50 8.59
CA GLY D 46 -13.13 -18.77 9.26
C GLY D 46 -11.90 -19.55 8.90
N MSE D 47 -11.00 -18.99 8.09
CA MSE D 47 -9.81 -19.71 7.66
C MSE D 47 -8.74 -19.75 8.73
O MSE D 47 -8.32 -18.72 9.26
CB MSE D 47 -9.25 -19.09 6.38
CG MSE D 47 -8.12 -19.88 5.75
SE MSE D 47 -7.41 -19.06 4.13
CE MSE D 47 -9.06 -18.92 3.12
N LYS D 48 -8.29 -20.96 9.06
CA LYS D 48 -7.22 -21.14 10.03
C LYS D 48 -5.86 -20.88 9.40
N TYR D 49 -4.88 -20.59 10.24
CA TYR D 49 -3.53 -20.31 9.73
C TYR D 49 -2.91 -21.53 9.07
N THR D 50 -3.39 -22.73 9.38
CA THR D 50 -2.91 -23.95 8.75
C THR D 50 -3.45 -24.14 7.33
N GLU D 51 -4.37 -23.30 6.89
CA GLU D 51 -4.97 -23.39 5.57
C GLU D 51 -4.43 -22.34 4.59
N LEU D 52 -3.57 -21.44 5.07
CA LEU D 52 -3.07 -20.37 4.19
C LEU D 52 -2.13 -20.92 3.12
N LYS D 53 -1.37 -21.96 3.45
CA LYS D 53 -0.40 -22.52 2.51
C LYS D 53 -1.08 -22.97 1.22
N GLU D 54 -2.08 -23.85 1.34
CA GLU D 54 -2.73 -24.36 0.15
C GLU D 54 -3.61 -23.32 -0.53
N TYR D 55 -4.09 -22.34 0.23
CA TYR D 55 -4.90 -21.27 -0.37
C TYR D 55 -4.06 -20.35 -1.24
N LEU D 56 -2.85 -20.00 -0.78
CA LEU D 56 -1.97 -19.15 -1.57
C LEU D 56 -1.37 -19.90 -2.75
N ALA D 57 -1.16 -21.22 -2.61
CA ALA D 57 -0.63 -22.00 -3.71
C ALA D 57 -1.61 -22.07 -4.88
N LYS D 58 -2.91 -21.88 -4.62
CA LYS D 58 -3.93 -21.95 -5.65
C LYS D 58 -4.42 -20.59 -6.11
N ASN D 59 -4.40 -19.58 -5.22
CA ASN D 59 -4.95 -18.27 -5.53
C ASN D 59 -3.93 -17.15 -5.35
N GLY D 60 -2.65 -17.47 -5.14
CA GLY D 60 -1.67 -16.43 -4.86
C GLY D 60 -1.42 -15.49 -6.02
N GLU D 61 -1.30 -16.05 -7.24
CA GLU D 61 -1.06 -15.22 -8.40
C GLU D 61 -2.23 -14.29 -8.69
N ILE D 62 -3.46 -14.79 -8.53
CA ILE D 62 -4.64 -13.95 -8.70
C ILE D 62 -4.66 -12.85 -7.65
N ILE D 63 -4.26 -13.18 -6.42
CA ILE D 63 -4.21 -12.18 -5.35
C ILE D 63 -3.19 -11.10 -5.70
N LYS D 64 -2.03 -11.49 -6.23
CA LYS D 64 -1.03 -10.52 -6.63
C LYS D 64 -1.56 -9.60 -7.73
N GLU D 65 -2.26 -10.18 -8.73
CA GLU D 65 -2.80 -9.37 -9.82
C GLU D 65 -3.85 -8.39 -9.30
N GLN D 66 -4.70 -8.84 -8.39
CA GLN D 66 -5.71 -7.95 -7.83
C GLN D 66 -5.08 -6.81 -7.03
N LEU D 67 -3.94 -7.08 -6.39
CA LEU D 67 -3.26 -6.03 -5.62
C LEU D 67 -2.60 -5.01 -6.52
N ARG D 68 -2.06 -5.45 -7.67
CA ARG D 68 -1.41 -4.51 -8.57
C ARG D 68 -2.40 -3.49 -9.11
N ILE D 69 -3.60 -3.93 -9.46
CA ILE D 69 -4.60 -3.07 -10.08
C ILE D 69 -5.54 -2.47 -9.05
N ARG D 70 -5.17 -2.54 -7.77
CA ARG D 70 -5.97 -1.97 -6.67
C ARG D 70 -7.38 -2.53 -6.63
N LYS D 71 -7.54 -3.80 -7.00
CA LYS D 71 -8.84 -4.46 -7.00
C LYS D 71 -8.99 -5.50 -5.90
N TYR D 72 -7.98 -5.68 -5.06
CA TYR D 72 -8.12 -6.53 -3.88
C TYR D 72 -8.87 -5.77 -2.80
N LYS D 73 -9.96 -6.34 -2.31
CA LYS D 73 -10.76 -5.70 -1.28
C LYS D 73 -10.51 -6.41 0.05
N PRO D 74 -9.83 -5.78 1.01
CA PRO D 74 -9.62 -6.43 2.31
C PRO D 74 -10.95 -6.67 3.03
N GLN D 75 -10.99 -7.76 3.77
CA GLN D 75 -12.20 -8.03 4.52
C GLN D 75 -12.16 -7.33 5.87
N PRO D 76 -13.31 -7.01 6.46
CA PRO D 76 -13.32 -6.39 7.79
C PRO D 76 -12.79 -7.34 8.83
N VAL D 77 -12.17 -6.75 9.88
CA VAL D 77 -11.65 -7.54 10.97
C VAL D 77 -12.80 -8.11 11.79
N ARG D 78 -12.57 -9.27 12.40
CA ARG D 78 -13.55 -9.89 13.28
C ARG D 78 -13.34 -9.40 14.70
N ARG D 79 -14.44 -9.05 15.37
CA ARG D 79 -14.39 -8.66 16.77
C ARG D 79 -14.40 -9.92 17.63
N VAL D 80 -13.39 -10.06 18.49
CA VAL D 80 -13.24 -11.23 19.33
C VAL D 80 -13.11 -10.78 20.78
N GLU D 81 -13.88 -11.40 21.68
CA GLU D 81 -13.71 -11.18 23.10
C GLU D 81 -12.72 -12.20 23.65
N ILE D 82 -11.73 -11.72 24.41
CA ILE D 82 -10.64 -12.57 24.88
C ILE D 82 -10.40 -12.29 26.37
N PRO D 83 -10.24 -13.33 27.20
CA PRO D 83 -9.93 -13.15 28.62
C PRO D 83 -8.48 -12.72 28.85
N GLY D 88 -11.06 -10.40 33.34
CA GLY D 88 -12.12 -9.81 32.55
C GLY D 88 -12.06 -10.22 31.09
N VAL D 89 -12.54 -9.34 30.21
CA VAL D 89 -12.55 -9.60 28.78
C VAL D 89 -11.79 -8.48 28.07
N ARG D 90 -11.25 -8.80 26.90
CA ARG D 90 -10.55 -7.85 26.06
C ARG D 90 -11.06 -7.98 24.63
N ASN D 91 -11.24 -6.83 23.97
CA ASN D 91 -11.75 -6.79 22.61
C ASN D 91 -10.61 -6.62 21.63
N LEU D 92 -10.56 -7.51 20.63
CA LEU D 92 -9.54 -7.47 19.60
C LEU D 92 -10.17 -7.58 18.22
N GLY D 93 -9.53 -6.94 17.25
CA GLY D 93 -9.93 -7.06 15.86
C GLY D 93 -8.97 -7.95 15.09
N VAL D 94 -9.44 -9.12 14.66
CA VAL D 94 -8.59 -10.13 14.04
C VAL D 94 -8.84 -10.08 12.53
N PRO D 95 -7.86 -9.67 11.72
CA PRO D 95 -8.00 -9.80 10.28
C PRO D 95 -7.94 -11.27 9.86
N THR D 96 -8.47 -11.54 8.67
CA THR D 96 -8.32 -12.87 8.10
C THR D 96 -6.85 -13.18 7.88
N VAL D 97 -6.53 -14.48 7.85
CA VAL D 97 -5.13 -14.88 7.72
C VAL D 97 -4.57 -14.43 6.38
N THR D 98 -5.42 -14.35 5.35
CA THR D 98 -4.97 -13.78 4.08
C THR D 98 -4.60 -12.31 4.24
N ASP D 99 -5.43 -11.55 4.97
CA ASP D 99 -5.13 -10.13 5.19
C ASP D 99 -3.91 -9.96 6.07
N ARG D 100 -3.78 -10.78 7.12
CA ARG D 100 -2.58 -10.72 7.95
C ARG D 100 -1.33 -11.04 7.13
N PHE D 101 -1.46 -11.94 6.16
CA PHE D 101 -0.34 -12.26 5.27
C PHE D 101 0.03 -11.06 4.40
N ILE D 102 -0.97 -10.33 3.90
CA ILE D 102 -0.68 -9.18 3.06
C ILE D 102 -0.16 -8.02 3.90
N GLN D 103 -0.76 -7.79 5.07
CA GLN D 103 -0.28 -6.74 5.96
C GLN D 103 1.17 -6.98 6.36
N GLN D 104 1.54 -8.25 6.59
CA GLN D 104 2.92 -8.57 6.92
C GLN D 104 3.85 -8.30 5.74
N ALA D 105 3.39 -8.59 4.52
CA ALA D 105 4.21 -8.33 3.34
C ALA D 105 4.47 -6.84 3.16
N ILE D 106 3.49 -6.00 3.50
CA ILE D 106 3.68 -4.55 3.41
C ILE D 106 4.63 -4.07 4.49
N ALA D 107 4.43 -4.54 5.73
CA ALA D 107 5.23 -4.06 6.85
C ALA D 107 6.71 -4.40 6.66
N GLN D 108 7.00 -5.56 6.07
CA GLN D 108 8.39 -5.97 5.89
C GLN D 108 9.15 -5.01 4.99
N VAL D 109 8.45 -4.33 4.09
CA VAL D 109 9.10 -3.33 3.23
C VAL D 109 9.08 -1.95 3.87
N LEU D 110 7.99 -1.61 4.58
CA LEU D 110 7.86 -0.29 5.18
C LEU D 110 8.70 -0.16 6.45
N THR D 111 8.96 -1.26 7.15
CA THR D 111 9.70 -1.18 8.40
C THR D 111 11.11 -0.64 8.23
N PRO D 112 11.96 -1.17 7.33
CA PRO D 112 13.32 -0.63 7.22
C PRO D 112 13.36 0.82 6.81
N ILE D 113 12.34 1.29 6.08
CA ILE D 113 12.29 2.68 5.68
C ILE D 113 12.08 3.59 6.89
N TYR D 114 11.15 3.20 7.76
CA TYR D 114 10.82 4.04 8.90
C TYR D 114 11.71 3.83 10.11
N GLU D 115 12.49 2.73 10.13
CA GLU D 115 13.48 2.57 11.19
C GLU D 115 14.58 3.64 11.11
N GLU D 116 14.76 4.25 9.94
CA GLU D 116 15.75 5.32 9.81
C GLU D 116 15.24 6.66 10.33
N GLN D 117 13.93 6.81 10.51
CA GLN D 117 13.35 8.06 10.98
C GLN D 117 12.94 8.02 12.45
N PHE D 118 12.64 6.83 12.98
CA PHE D 118 12.06 6.74 14.32
C PHE D 118 13.06 7.14 15.39
N HIS D 119 12.52 7.67 16.49
CA HIS D 119 13.32 8.12 17.62
C HIS D 119 13.84 6.94 18.41
N ASP D 120 15.03 7.12 19.01
CA ASP D 120 15.65 6.05 19.78
C ASP D 120 14.88 5.71 21.04
N HIS D 121 14.01 6.59 21.51
CA HIS D 121 13.24 6.37 22.73
C HIS D 121 11.81 5.92 22.44
N SER D 122 11.56 5.41 21.23
CA SER D 122 10.33 4.72 20.89
C SER D 122 10.61 3.23 20.85
N TYR D 123 9.82 2.45 21.59
CA TYR D 123 10.11 1.03 21.78
C TYR D 123 8.97 0.10 21.43
N GLY D 124 7.81 0.61 21.03
CA GLY D 124 6.65 -0.24 20.82
C GLY D 124 6.58 -0.90 19.45
N PHE D 125 6.54 -2.23 19.45
CA PHE D 125 6.34 -3.02 18.23
C PHE D 125 7.39 -2.71 17.16
N ARG D 126 8.65 -2.63 17.60
CA ARG D 126 9.77 -2.35 16.73
C ARG D 126 10.76 -3.51 16.78
N PRO D 127 11.56 -3.70 15.74
CA PRO D 127 12.56 -4.78 15.77
C PRO D 127 13.56 -4.57 16.89
N ASN D 128 13.84 -5.65 17.63
CA ASN D 128 14.87 -5.65 18.67
C ASN D 128 14.56 -4.64 19.78
N ARG D 129 13.29 -4.40 20.05
CA ARG D 129 12.89 -3.47 21.10
C ARG D 129 11.72 -4.07 21.88
N CYS D 130 11.68 -3.77 23.18
CA CYS D 130 10.66 -4.32 24.06
C CYS D 130 10.35 -3.31 25.16
N ALA D 131 9.39 -3.66 26.01
CA ALA D 131 8.92 -2.73 27.03
C ALA D 131 9.98 -2.47 28.09
N GLN D 132 10.79 -3.47 28.42
CA GLN D 132 11.77 -3.30 29.50
C GLN D 132 12.82 -2.25 29.15
N GLN D 133 13.16 -2.12 27.87
CA GLN D 133 14.09 -1.07 27.47
C GLN D 133 13.52 0.31 27.74
N ALA D 134 12.22 0.49 27.47
CA ALA D 134 11.57 1.76 27.78
C ALA D 134 11.61 2.05 29.26
N ILE D 135 11.37 1.03 30.08
CA ILE D 135 11.44 1.19 31.54
C ILE D 135 12.84 1.62 31.96
N LEU D 136 13.86 0.94 31.42
CA LEU D 136 15.25 1.26 31.78
C LEU D 136 15.60 2.69 31.43
N THR D 137 15.25 3.13 30.22
CA THR D 137 15.56 4.50 29.81
C THR D 137 14.83 5.51 30.68
N ALA D 138 13.55 5.24 30.99
CA ALA D 138 12.80 6.14 31.87
C ALA D 138 13.43 6.19 33.26
N LEU D 139 13.90 5.04 33.76
CA LEU D 139 14.53 5.01 35.07
C LEU D 139 15.81 5.83 35.09
N ASP D 140 16.63 5.73 34.04
CA ASP D 140 17.85 6.51 33.96
C ASP D 140 17.56 8.01 33.94
N MSE D 141 16.44 8.41 33.36
CA MSE D 141 16.04 9.80 33.33
C MSE D 141 15.58 10.28 34.70
O MSE D 141 15.94 11.38 35.14
CB MSE D 141 14.94 10.03 32.29
CG MSE D 141 15.41 9.84 30.86
SE MSE D 141 13.93 9.68 29.60
CE MSE D 141 14.93 9.96 27.95
N MSE D 142 14.78 9.47 35.37
CA MSE D 142 14.31 9.78 36.72
C MSE D 142 15.48 9.97 37.68
O MSE D 142 15.49 10.89 38.48
CB MSE D 142 13.39 8.68 37.24
CG MSE D 142 12.11 8.48 36.45
SE MSE D 142 11.12 6.92 37.08
CE MSE D 142 9.69 6.92 35.74
N ASN D 143 16.45 9.07 37.58
CA ASN D 143 17.60 9.07 38.47
C ASN D 143 18.63 10.14 38.12
N ASP D 144 18.36 10.97 37.12
CA ASP D 144 19.14 12.17 36.86
C ASP D 144 18.51 13.42 37.46
N GLY D 145 17.36 13.29 38.11
CA GLY D 145 16.66 14.41 38.71
C GLY D 145 15.33 14.73 38.09
N ASN D 146 15.00 14.12 36.94
CA ASN D 146 13.72 14.37 36.28
C ASN D 146 12.70 13.35 36.78
N ASP D 147 12.30 13.52 38.05
CA ASP D 147 11.40 12.60 38.72
C ASP D 147 9.99 13.15 38.88
N TRP D 148 9.61 14.15 38.08
CA TRP D 148 8.22 14.56 37.96
C TRP D 148 7.70 14.04 36.62
N ILE D 149 6.69 13.17 36.68
CA ILE D 149 6.28 12.38 35.53
C ILE D 149 5.03 13.00 34.92
N VAL D 150 5.08 13.25 33.62
CA VAL D 150 3.91 13.65 32.84
C VAL D 150 3.38 12.39 32.17
N ASP D 151 2.23 11.92 32.60
CA ASP D 151 1.61 10.69 32.09
C ASP D 151 0.43 11.08 31.22
N ILE D 152 0.67 11.24 29.94
CA ILE D 152 -0.36 11.61 28.97
C ILE D 152 -1.10 10.35 28.54
N ASP D 153 -2.42 10.33 28.75
CA ASP D 153 -3.25 9.20 28.34
C ASP D 153 -4.01 9.59 27.09
N LEU D 154 -3.85 8.81 26.03
CA LEU D 154 -4.56 9.01 24.77
C LEU D 154 -5.67 7.98 24.64
N GLU D 155 -6.76 8.39 23.99
CA GLU D 155 -7.79 7.44 23.63
C GLU D 155 -7.23 6.43 22.63
N LYS D 156 -7.98 5.35 22.43
CA LYS D 156 -7.56 4.30 21.49
C LYS D 156 -7.17 4.92 20.15
N PHE D 157 -5.96 4.61 19.70
CA PHE D 157 -5.40 5.27 18.52
C PHE D 157 -6.29 5.08 17.31
N PHE D 158 -6.55 3.83 16.93
CA PHE D 158 -7.30 3.55 15.72
C PHE D 158 -8.80 3.81 15.87
N ASP D 159 -9.27 4.09 17.08
CA ASP D 159 -10.65 4.53 17.27
C ASP D 159 -10.81 6.04 17.16
N THR D 160 -9.71 6.79 17.05
CA THR D 160 -9.76 8.24 16.99
C THR D 160 -8.92 8.86 15.88
N VAL D 161 -8.05 8.09 15.23
CA VAL D 161 -7.16 8.65 14.23
C VAL D 161 -7.95 9.02 12.98
N ASN D 162 -7.62 10.16 12.38
CA ASN D 162 -8.16 10.54 11.09
C ASN D 162 -7.35 9.85 9.99
N HIS D 163 -8.03 9.07 9.15
CA HIS D 163 -7.33 8.26 8.15
C HIS D 163 -6.60 9.14 7.14
N ASP D 164 -7.24 10.20 6.67
CA ASP D 164 -6.59 11.10 5.73
C ASP D 164 -5.40 11.82 6.39
N LYS D 165 -5.53 12.18 7.66
CA LYS D 165 -4.41 12.77 8.39
C LYS D 165 -3.22 11.81 8.41
N LEU D 166 -3.48 10.52 8.62
CA LEU D 166 -2.39 9.54 8.69
C LEU D 166 -1.78 9.30 7.31
N MSE D 167 -2.61 9.18 6.28
CA MSE D 167 -2.11 8.91 4.93
C MSE D 167 -1.27 10.07 4.41
O MSE D 167 -0.31 9.86 3.66
CB MSE D 167 -3.26 8.61 3.97
CG MSE D 167 -4.09 7.39 4.33
SE MSE D 167 -3.01 5.85 4.85
CE MSE D 167 -1.92 5.64 3.26
N THR D 168 -1.63 11.30 4.80
CA THR D 168 -0.84 12.46 4.41
C THR D 168 0.56 12.38 5.03
N ILE D 169 0.63 12.03 6.32
CA ILE D 169 1.93 11.89 6.98
C ILE D 169 2.75 10.79 6.32
N ILE D 170 2.10 9.67 5.97
CA ILE D 170 2.81 8.59 5.30
C ILE D 170 3.27 9.03 3.91
N GLY D 171 2.46 9.84 3.22
CA GLY D 171 2.80 10.28 1.88
C GLY D 171 4.07 11.12 1.80
N ARG D 172 4.51 11.69 2.92
CA ARG D 172 5.76 12.46 2.91
C ARG D 172 6.95 11.57 2.58
N THR D 173 6.85 10.27 2.89
CA THR D 173 7.92 9.32 2.63
C THR D 173 7.59 8.32 1.55
N ILE D 174 6.36 7.78 1.55
CA ILE D 174 5.96 6.76 0.59
C ILE D 174 5.27 7.46 -0.58
N LYS D 175 5.88 7.37 -1.76
CA LYS D 175 5.35 8.00 -2.97
C LYS D 175 4.61 7.03 -3.87
N ASP D 176 4.59 5.74 -3.52
CA ASP D 176 3.89 4.73 -4.32
C ASP D 176 2.41 4.80 -3.98
N GLY D 177 1.58 5.24 -4.94
CA GLY D 177 0.16 5.35 -4.70
C GLY D 177 -0.53 4.03 -4.48
N ASP D 178 -0.03 2.96 -5.11
CA ASP D 178 -0.59 1.64 -4.87
C ASP D 178 -0.44 1.23 -3.41
N VAL D 179 0.73 1.52 -2.82
CA VAL D 179 0.93 1.23 -1.40
C VAL D 179 0.04 2.13 -0.55
N ILE D 180 -0.08 3.39 -0.92
CA ILE D 180 -0.97 4.31 -0.20
C ILE D 180 -2.40 3.81 -0.26
N SER D 181 -2.82 3.29 -1.41
CA SER D 181 -4.20 2.85 -1.57
C SER D 181 -4.51 1.63 -0.71
N ILE D 182 -3.63 0.62 -0.75
CA ILE D 182 -3.91 -0.61 -0.01
C ILE D 182 -3.79 -0.38 1.50
N VAL D 183 -2.85 0.47 1.91
CA VAL D 183 -2.72 0.78 3.33
C VAL D 183 -3.97 1.50 3.83
N ARG D 184 -4.49 2.44 3.05
CA ARG D 184 -5.72 3.13 3.44
C ARG D 184 -6.88 2.16 3.59
N LYS D 185 -6.97 1.16 2.70
CA LYS D 185 -8.05 0.18 2.79
C LYS D 185 -7.96 -0.64 4.07
N TYR D 186 -6.74 -0.96 4.52
CA TYR D 186 -6.60 -1.74 5.74
C TYR D 186 -6.97 -0.93 6.97
N LEU D 187 -6.78 0.40 6.92
CA LEU D 187 -7.34 1.25 7.96
C LEU D 187 -8.86 1.16 8.00
N VAL D 188 -9.48 1.13 6.82
CA VAL D 188 -10.94 0.99 6.74
C VAL D 188 -11.38 -0.36 7.28
N SER D 189 -10.58 -1.40 7.10
CA SER D 189 -10.95 -2.73 7.56
C SER D 189 -11.05 -2.81 9.07
N GLY D 190 -10.41 -1.89 9.80
CA GLY D 190 -10.51 -1.86 11.24
C GLY D 190 -9.32 -2.41 11.99
N ILE D 191 -8.13 -2.45 11.38
CA ILE D 191 -6.96 -2.95 12.07
C ILE D 191 -6.69 -2.11 13.32
N MSE D 192 -6.23 -2.76 14.38
CA MSE D 192 -5.97 -2.06 15.63
CA MSE D 192 -6.01 -2.09 15.66
C MSE D 192 -4.79 -2.67 16.38
O MSE D 192 -4.09 -3.54 15.85
CB MSE D 192 -7.22 -2.08 16.52
CB MSE D 192 -7.26 -2.22 16.53
CG MSE D 192 -7.79 -3.45 16.78
CG MSE D 192 -7.85 -3.62 16.57
SE MSE D 192 -9.39 -3.38 17.90
SE MSE D 192 -6.96 -4.79 17.84
CE MSE D 192 -8.62 -2.52 19.47
CE MSE D 192 -7.54 -3.90 19.48
N ILE D 193 -4.56 -2.20 17.60
CA ILE D 193 -3.37 -2.56 18.38
C ILE D 193 -3.79 -3.48 19.51
N ASP D 194 -3.20 -4.69 19.53
CA ASP D 194 -3.31 -5.56 20.69
C ASP D 194 -2.53 -4.93 21.84
N ASP D 195 -3.24 -4.48 22.87
CA ASP D 195 -2.65 -3.70 23.95
C ASP D 195 -2.38 -4.54 25.19
N GLU D 196 -2.15 -5.85 25.04
CA GLU D 196 -1.92 -6.70 26.20
C GLU D 196 -0.63 -6.39 26.93
N TYR D 197 0.26 -5.58 26.34
CA TYR D 197 1.47 -5.15 27.03
C TYR D 197 1.16 -4.34 28.28
N GLU D 198 -0.04 -3.75 28.37
CA GLU D 198 -0.42 -2.99 29.56
C GLU D 198 -0.54 -3.86 30.80
N ASP D 199 -0.66 -5.18 30.63
CA ASP D 199 -0.65 -6.13 31.72
C ASP D 199 0.69 -6.86 31.85
N SER D 200 1.76 -6.26 31.34
CA SER D 200 3.11 -6.84 31.35
C SER D 200 3.17 -8.17 30.61
N ILE D 201 2.26 -8.41 29.68
CA ILE D 201 2.24 -9.65 28.92
C ILE D 201 3.30 -9.59 27.83
N VAL D 202 4.04 -10.68 27.67
CA VAL D 202 5.06 -10.81 26.64
C VAL D 202 4.63 -11.93 25.70
N GLY D 203 4.66 -11.65 24.41
CA GLY D 203 4.27 -12.65 23.44
C GLY D 203 3.85 -11.99 22.12
N THR D 204 3.47 -12.84 21.19
CA THR D 204 3.10 -12.39 19.85
C THR D 204 1.72 -11.72 19.90
N PRO D 205 1.62 -10.44 19.52
CA PRO D 205 0.30 -9.81 19.48
C PRO D 205 -0.56 -10.38 18.36
N GLN D 206 -1.86 -10.18 18.49
CA GLN D 206 -2.82 -10.61 17.48
C GLN D 206 -3.20 -9.46 16.58
N GLY D 207 -3.33 -9.75 15.29
CA GLY D 207 -3.79 -8.78 14.31
C GLY D 207 -2.91 -7.56 14.15
N GLY D 208 -1.68 -7.63 14.64
CA GLY D 208 -0.80 -6.49 14.63
C GLY D 208 0.37 -6.61 13.67
N ASN D 209 0.08 -6.93 12.41
CA ASN D 209 1.14 -6.99 11.41
C ASN D 209 1.48 -5.60 10.86
N LEU D 210 0.46 -4.75 10.69
CA LEU D 210 0.62 -3.45 10.06
C LEU D 210 0.19 -2.30 10.95
N SER D 211 -0.87 -2.48 11.74
CA SER D 211 -1.39 -1.37 12.54
C SER D 211 -0.38 -0.79 13.52
N PRO D 212 0.46 -1.57 14.22
CA PRO D 212 1.44 -0.92 15.12
C PRO D 212 2.44 -0.06 14.38
N LEU D 213 2.88 -0.48 13.20
CA LEU D 213 3.79 0.34 12.39
C LEU D 213 3.12 1.65 12.00
N LEU D 214 1.84 1.60 11.61
CA LEU D 214 1.13 2.81 11.23
C LEU D 214 1.00 3.77 12.42
N ALA D 215 0.74 3.23 13.61
CA ALA D 215 0.64 4.08 14.80
C ALA D 215 1.97 4.74 15.12
N ASN D 216 3.08 4.04 14.88
CA ASN D 216 4.40 4.62 15.13
C ASN D 216 4.72 5.72 14.13
N ILE D 217 4.31 5.56 12.87
CA ILE D 217 4.54 6.61 11.87
C ILE D 217 3.84 7.90 12.29
N MSE D 218 2.61 7.78 12.76
CA MSE D 218 1.84 8.94 13.24
C MSE D 218 2.49 9.55 14.48
O MSE D 218 2.82 10.74 14.48
CB MSE D 218 0.41 8.52 13.56
CG MSE D 218 -0.43 9.58 14.21
SE MSE D 218 -1.38 10.69 12.92
CE MSE D 218 -2.97 11.05 13.97
N LEU D 219 2.65 8.74 15.52
CA LEU D 219 3.18 9.23 16.78
C LEU D 219 4.66 9.63 16.70
N ASN D 220 5.35 9.23 15.63
CA ASN D 220 6.70 9.75 15.40
C ASN D 220 6.69 11.28 15.28
N GLU D 221 5.56 11.85 14.84
CA GLU D 221 5.43 13.30 14.84
C GLU D 221 5.43 13.88 16.25
N LEU D 222 4.89 13.14 17.21
CA LEU D 222 4.95 13.57 18.60
C LEU D 222 6.36 13.45 19.15
N ASP D 223 7.05 12.35 18.81
CA ASP D 223 8.44 12.19 19.25
C ASP D 223 9.31 13.32 18.74
N LYS D 224 9.13 13.73 17.48
CA LYS D 224 9.93 14.81 16.93
C LYS D 224 9.61 16.14 17.61
N GLU D 225 8.35 16.35 17.98
CA GLU D 225 7.99 17.58 18.69
C GLU D 225 8.60 17.61 20.09
N MSE D 226 8.53 16.51 20.82
CA MSE D 226 9.10 16.43 22.16
C MSE D 226 10.63 16.52 22.10
O MSE D 226 11.26 17.12 22.97
CB MSE D 226 8.66 15.14 22.86
CG MSE D 226 7.19 15.11 23.24
SE MSE D 226 6.66 13.47 24.14
CE MSE D 226 7.06 12.19 22.72
N GLU D 227 11.21 15.89 21.08
CA GLU D 227 12.64 16.01 20.84
C GLU D 227 13.04 17.45 20.54
N LYS D 228 12.19 18.16 19.79
CA LYS D 228 12.46 19.56 19.48
C LYS D 228 12.55 20.41 20.73
N ARG D 229 11.75 20.09 21.75
CA ARG D 229 11.72 20.85 22.99
C ARG D 229 12.66 20.29 24.05
N GLY D 230 13.50 19.32 23.69
CA GLY D 230 14.46 18.76 24.63
C GLY D 230 13.86 17.97 25.77
N LEU D 231 12.62 17.49 25.61
CA LEU D 231 11.98 16.73 26.68
C LEU D 231 12.56 15.32 26.75
N ASN D 232 12.70 14.82 27.98
CA ASN D 232 13.10 13.43 28.21
C ASN D 232 11.83 12.58 28.26
N PHE D 233 11.77 11.57 27.39
CA PHE D 233 10.55 10.78 27.27
C PHE D 233 10.89 9.37 26.80
N VAL D 234 9.97 8.45 27.07
CA VAL D 234 9.92 7.16 26.38
C VAL D 234 8.49 6.99 25.86
N ARG D 235 8.37 6.23 24.79
CA ARG D 235 7.06 5.96 24.21
C ARG D 235 6.99 4.50 23.79
N TYR D 236 5.84 3.88 24.04
CA TYR D 236 5.54 2.51 23.61
C TYR D 236 4.14 2.55 23.00
N ALA D 237 4.07 2.49 21.67
CA ALA D 237 2.81 2.65 20.92
C ALA D 237 2.24 4.01 21.32
N ASP D 238 0.98 4.10 21.77
CA ASP D 238 0.39 5.35 22.21
C ASP D 238 0.50 5.55 23.71
N ASP D 239 1.45 4.88 24.36
CA ASP D 239 1.66 4.98 25.81
C ASP D 239 3.00 5.67 26.04
N CYS D 240 2.94 6.95 26.40
CA CYS D 240 4.13 7.78 26.55
C CYS D 240 4.16 8.41 27.94
N ILE D 241 5.36 8.52 28.51
CA ILE D 241 5.57 9.28 29.74
C ILE D 241 6.77 10.21 29.52
N ILE D 242 6.73 11.35 30.20
CA ILE D 242 7.74 12.40 30.04
C ILE D 242 8.33 12.70 31.42
N MSE D 243 9.67 12.71 31.48
CA MSE D 243 10.38 12.98 32.72
C MSE D 243 10.92 14.41 32.76
O MSE D 243 11.78 14.76 31.94
CB MSE D 243 11.53 11.98 32.91
CG MSE D 243 11.13 10.65 33.56
SE MSE D 243 9.74 9.67 32.60
CE MSE D 243 10.61 9.50 30.86
N VAL D 244 10.45 15.21 33.70
CA VAL D 244 10.87 16.60 33.84
C VAL D 244 11.29 16.83 35.30
N GLY D 245 11.96 17.97 35.51
CA GLY D 245 12.64 18.24 36.77
C GLY D 245 11.83 18.91 37.86
N SER D 246 10.65 19.42 37.57
CA SER D 246 9.87 20.10 38.60
C SER D 246 8.38 19.87 38.36
N GLU D 247 7.61 20.08 39.43
CA GLU D 247 6.16 19.91 39.35
C GLU D 247 5.52 20.97 38.47
N MSE D 248 6.06 22.18 38.47
CA MSE D 248 5.46 23.29 37.72
C MSE D 248 5.73 23.16 36.23
O MSE D 248 4.84 23.37 35.41
CB MSE D 248 5.97 24.62 38.24
CG MSE D 248 4.87 25.64 38.43
SE MSE D 248 3.45 25.00 39.62
CE MSE D 248 2.08 24.61 38.29
N SER D 249 6.98 22.85 35.87
CA SER D 249 7.29 22.59 34.47
C SER D 249 6.57 21.34 33.96
N ALA D 250 6.30 20.39 34.86
CA ALA D 250 5.49 19.23 34.48
C ALA D 250 4.10 19.64 34.05
N ASN D 251 3.48 20.56 34.80
CA ASN D 251 2.16 21.06 34.42
C ASN D 251 2.21 21.87 33.14
N ARG D 252 3.32 22.59 32.90
CA ARG D 252 3.45 23.33 31.65
C ARG D 252 3.67 22.39 30.47
N VAL D 253 4.54 21.37 30.64
CA VAL D 253 4.72 20.37 29.59
C VAL D 253 3.41 19.64 29.32
N MSE D 254 2.67 19.33 30.39
CA MSE D 254 1.37 18.69 30.28
C MSE D 254 0.41 19.43 29.35
O MSE D 254 -0.17 18.85 28.44
CB MSE D 254 0.74 18.53 31.66
CG MSE D 254 -0.73 18.20 31.65
SE MSE D 254 -1.06 16.29 31.48
CE MSE D 254 -1.99 16.00 33.16
N ARG D 255 0.26 20.73 29.61
CA ARG D 255 -0.67 21.53 28.82
C ARG D 255 -0.15 21.77 27.41
N ASN D 256 1.16 21.96 27.26
CA ASN D 256 1.72 22.23 25.94
C ASN D 256 1.66 21.01 25.04
N ILE D 257 2.00 19.84 25.55
CA ILE D 257 2.02 18.65 24.72
C ILE D 257 0.60 18.18 24.41
N SER D 258 -0.30 18.26 25.40
CA SER D 258 -1.69 17.89 25.15
C SER D 258 -2.32 18.80 24.10
N ARG D 259 -1.93 20.09 24.09
CA ARG D 259 -2.40 20.98 23.04
C ARG D 259 -1.88 20.55 21.67
N PHE D 260 -0.60 20.16 21.61
CA PHE D 260 -0.02 19.73 20.33
C PHE D 260 -0.66 18.44 19.84
N ILE D 261 -0.99 17.53 20.76
CA ILE D 261 -1.54 16.24 20.34
C ILE D 261 -2.92 16.41 19.71
N GLU D 262 -3.74 17.30 20.28
CA GLU D 262 -5.10 17.46 19.78
C GLU D 262 -5.16 18.38 18.57
N GLU D 263 -4.36 19.45 18.57
CA GLU D 263 -4.48 20.45 17.51
C GLU D 263 -3.71 20.04 16.26
N LYS D 264 -2.53 19.45 16.41
CA LYS D 264 -1.69 19.12 15.27
C LYS D 264 -1.85 17.69 14.79
N LEU D 265 -2.14 16.75 15.69
CA LEU D 265 -2.29 15.35 15.30
C LEU D 265 -3.74 14.90 15.20
N GLY D 266 -4.67 15.61 15.84
CA GLY D 266 -6.06 15.24 15.81
C GLY D 266 -6.45 14.15 16.80
N LEU D 267 -5.51 13.65 17.59
CA LEU D 267 -5.81 12.67 18.62
C LEU D 267 -6.47 13.35 19.82
N LYS D 268 -7.03 12.54 20.71
CA LYS D 268 -7.75 13.06 21.87
C LYS D 268 -7.04 12.61 23.14
N VAL D 269 -6.73 13.56 24.01
CA VAL D 269 -6.06 13.29 25.28
C VAL D 269 -7.12 13.09 26.36
N ASN D 270 -7.11 11.91 26.97
CA ASN D 270 -8.03 11.60 28.06
C ASN D 270 -7.62 12.41 29.29
N MSE D 271 -8.31 13.51 29.53
CA MSE D 271 -7.97 14.40 30.64
C MSE D 271 -8.40 13.84 31.99
O MSE D 271 -8.06 14.40 33.04
CB MSE D 271 -8.59 15.77 30.42
CG MSE D 271 -7.67 16.74 29.68
SE MSE D 271 -6.00 17.02 30.64
CE MSE D 271 -4.99 17.94 29.25
N THR D 272 -9.14 12.74 31.97
CA THR D 272 -9.52 12.09 33.22
C THR D 272 -8.40 11.18 33.73
N LYS D 273 -7.73 10.45 32.83
CA LYS D 273 -6.65 9.56 33.23
C LYS D 273 -5.30 10.26 33.24
N SER D 274 -5.08 11.24 32.37
CA SER D 274 -3.81 11.94 32.34
C SER D 274 -3.57 12.68 33.65
N LYS D 275 -2.32 12.63 34.12
CA LYS D 275 -1.99 13.23 35.41
C LYS D 275 -0.50 13.54 35.45
N VAL D 276 -0.14 14.40 36.39
CA VAL D 276 1.25 14.64 36.78
C VAL D 276 1.45 14.02 38.15
N ASP D 277 2.51 13.24 38.31
CA ASP D 277 2.71 12.53 39.56
C ASP D 277 4.18 12.19 39.74
N ARG D 278 4.50 11.71 40.93
CA ARG D 278 5.81 11.15 41.23
C ARG D 278 5.88 9.71 40.73
N PRO D 279 7.08 9.16 40.57
CA PRO D 279 7.20 7.81 39.99
C PRO D 279 6.35 6.74 40.66
N ARG D 280 6.22 6.80 41.99
CA ARG D 280 5.49 5.76 42.71
C ARG D 280 4.00 5.76 42.38
N GLY D 281 3.47 6.85 41.83
CA GLY D 281 2.10 6.91 41.40
C GLY D 281 1.86 6.55 39.94
N ILE D 282 2.88 6.11 39.22
CA ILE D 282 2.81 5.90 37.78
C ILE D 282 2.74 4.40 37.51
N LYS D 283 1.83 4.00 36.62
CA LYS D 283 1.74 2.65 36.10
C LYS D 283 1.97 2.70 34.61
N TYR D 284 3.06 2.08 34.14
CA TYR D 284 3.50 2.21 32.76
C TYR D 284 3.92 0.85 32.24
N LEU D 285 3.22 0.36 31.21
CA LEU D 285 3.53 -0.91 30.57
C LEU D 285 3.49 -2.07 31.56
N GLY D 286 2.57 -1.98 32.52
CA GLY D 286 2.42 -2.98 33.55
C GLY D 286 3.40 -2.88 34.70
N PHE D 287 4.32 -1.92 34.68
CA PHE D 287 5.31 -1.74 35.73
C PHE D 287 4.88 -0.63 36.69
N GLY D 288 5.22 -0.82 37.96
CA GLY D 288 5.20 0.26 38.93
C GLY D 288 6.62 0.72 39.24
N PHE D 289 6.71 1.81 39.98
CA PHE D 289 8.00 2.39 40.30
C PHE D 289 8.12 2.59 41.80
N TYR D 290 9.31 2.33 42.33
CA TYR D 290 9.62 2.54 43.73
C TYR D 290 11.04 3.08 43.85
N TYR D 291 11.35 3.66 45.00
CA TYR D 291 12.67 4.21 45.27
C TYR D 291 13.46 3.20 46.09
N ASP D 292 14.62 2.79 45.58
CA ASP D 292 15.51 1.88 46.28
C ASP D 292 16.38 2.69 47.23
N THR D 293 16.19 2.50 48.54
CA THR D 293 16.92 3.31 49.51
C THR D 293 18.40 2.94 49.56
N SER D 294 18.74 1.67 49.36
CA SER D 294 20.14 1.27 49.38
C SER D 294 20.86 1.75 48.11
N ALA D 295 20.27 1.49 46.95
CA ALA D 295 20.88 1.94 45.70
C ALA D 295 20.78 3.45 45.51
N GLN D 296 19.91 4.12 46.28
CA GLN D 296 19.64 5.54 46.10
C GLN D 296 19.16 5.85 44.69
N GLN D 297 18.29 4.99 44.17
CA GLN D 297 17.80 5.14 42.80
C GLN D 297 16.37 4.62 42.72
N PHE D 298 15.61 5.19 41.77
CA PHE D 298 14.33 4.63 41.42
C PHE D 298 14.52 3.34 40.64
N LYS D 299 13.67 2.36 40.92
CA LYS D 299 13.65 1.11 40.18
C LYS D 299 12.20 0.75 39.85
N ALA D 300 12.01 -0.32 39.10
CA ALA D 300 10.68 -0.69 38.64
C ALA D 300 10.45 -2.18 38.80
N LYS D 301 9.19 -2.54 38.99
CA LYS D 301 8.75 -3.93 39.05
C LYS D 301 7.28 -3.98 38.67
N PRO D 302 6.75 -5.16 38.32
CA PRO D 302 5.33 -5.25 37.97
C PRO D 302 4.44 -4.76 39.11
N HIS D 303 3.38 -4.05 38.75
CA HIS D 303 2.43 -3.56 39.74
C HIS D 303 1.32 -4.58 39.95
N ALA D 304 0.54 -4.35 41.00
CA ALA D 304 -0.53 -5.28 41.41
C ALA D 304 -1.56 -5.47 40.30
K K E . 17.00 -22.30 35.30
K K F . -28.12 0.66 -38.50
K K G . -17.52 19.10 -14.17
K K H . 0.80 7.20 29.00
#